data_1R1J
#
_entry.id   1R1J
#
_cell.length_a   107.458
_cell.length_b   107.458
_cell.length_c   111.997
_cell.angle_alpha   90.00
_cell.angle_beta   90.00
_cell.angle_gamma   120.00
#
_symmetry.space_group_name_H-M   'P 32 2 1'
#
loop_
_entity.id
_entity.type
_entity.pdbx_description
1 polymer Neprilysin
2 non-polymer 2-acetamido-2-deoxy-beta-D-glucopyranose
3 non-polymer 'ZINC ION'
4 non-polymer N-(3-PHENYL-2-SULFANYLPROPANOYL)PHENYLALANYLALANINE
5 water water
#
_entity_poly.entity_id   1
_entity_poly.type   'polypeptide(L)'
_entity_poly.pdbx_seq_one_letter_code
;GICKSSDCIKSAARLIQNMDATTEPCTDFFKYACGGWLKRNVIPETSSRYGNFDILRDELEVVLKDVLQEPKTEDIVAVQ
KAKALYRSCINESAIDSRGGEPLLKLLPDIYGWPVATENWEQKYGASWTAEKAIAQLNSKYGKKVLINLFVGTDDKNSVN
HVIHIDQPRLGLPSRDYYECTGIYKEACTAYVDFMISVARLIRQEERLPIDENQLALEMNKVMELEKEIANATAKPEDRN
DPMLLYNKMTLAQIQNNFSLEINGKPFSWLNFTNEIMSTVNISITNEEDVVVYAPEYLTKLKPILTKYSARDLQNLMSWR
FIMDLVSSLSRTYKESRNAFRKALYGTTSETATWRRCANYVNGNMENAVGRLYVEAAFAGESKHVVEDLIAQIREVFIQT
LDDLTWMDAETKKRAEEKALAIKERIGYPDDIVSNDNKLNNEYLELNYKEDEYFENIIQNLKFSQSKQLKKLREKVDKDE
WISGAAVVNAFYSSGRNQIVFPAGILQPPFFSAQQSNSLNYGGIGMVIGHEITHGFDDNGRNFNKDGDLVDWWTQQSASN
FKEQSQCMVYQYGNFSWDLAGGQHLNGINTLGENIADNGGLGQAYRAYQNYIKKNGEEKLLPGLDLNHKQLFFLNFAQVW
CGTYRPEYAVNSIKTDVHSPGNFRIIGTLQNSAEFSEAFHCRKNSYMNPEKKCRVW
;
_entity_poly.pdbx_strand_id   A
#
loop_
_chem_comp.id
_chem_comp.type
_chem_comp.name
_chem_comp.formula
NAG D-saccharide, beta linking 2-acetamido-2-deoxy-beta-D-glucopyranose 'C8 H15 N O6'
OIR non-polymer N-(3-PHENYL-2-SULFANYLPROPANOYL)PHENYLALANYLALANINE 'C21 H24 N2 O4 S'
ZN non-polymer 'ZINC ION' 'Zn 2'
#
# COMPACT_ATOMS: atom_id res chain seq x y z
N GLY A 1 38.04 -21.36 -11.96
CA GLY A 1 37.33 -21.02 -10.70
C GLY A 1 36.12 -20.12 -10.90
N ILE A 2 35.78 -19.86 -12.16
CA ILE A 2 34.44 -19.46 -12.56
C ILE A 2 33.40 -20.57 -12.40
N CYS A 3 32.33 -20.28 -11.66
CA CYS A 3 31.06 -21.01 -11.79
C CYS A 3 30.48 -21.00 -13.20
N LYS A 4 30.14 -22.19 -13.70
CA LYS A 4 29.65 -22.34 -15.06
C LYS A 4 28.27 -23.01 -15.06
N SER A 5 27.58 -22.94 -13.93
CA SER A 5 26.26 -23.53 -13.82
C SER A 5 25.24 -22.74 -14.62
N SER A 6 24.24 -23.42 -15.14
CA SER A 6 23.19 -22.78 -15.92
C SER A 6 22.52 -21.69 -15.08
N ASP A 7 22.37 -21.95 -13.79
CA ASP A 7 21.81 -20.96 -12.90
C ASP A 7 22.78 -19.79 -12.73
N CYS A 8 24.07 -20.06 -12.94
CA CYS A 8 25.07 -19.01 -12.82
C CYS A 8 25.06 -18.08 -14.03
N ILE A 9 24.93 -18.64 -15.23
CA ILE A 9 24.97 -17.83 -16.44
C ILE A 9 23.62 -17.17 -16.68
N LYS A 10 22.59 -17.67 -16.00
CA LYS A 10 21.29 -16.99 -16.00
C LYS A 10 21.40 -15.62 -15.33
N SER A 11 21.87 -15.61 -14.10
CA SER A 11 21.92 -14.36 -13.34
C SER A 11 23.01 -13.44 -13.87
N ALA A 12 24.16 -13.98 -14.24
CA ALA A 12 25.18 -13.19 -14.91
C ALA A 12 24.60 -12.48 -16.14
N ALA A 13 23.85 -13.22 -16.95
CA ALA A 13 23.23 -12.66 -18.14
C ALA A 13 22.43 -11.43 -17.76
N ARG A 14 21.70 -11.57 -16.67
CA ARG A 14 20.80 -10.53 -16.21
C ARG A 14 21.56 -9.33 -15.64
N LEU A 15 22.58 -9.60 -14.84
CA LEU A 15 23.45 -8.56 -14.33
C LEU A 15 24.11 -7.79 -15.47
N ILE A 16 24.71 -8.52 -16.40
CA ILE A 16 25.42 -7.91 -17.52
C ILE A 16 24.50 -6.95 -18.27
N GLN A 17 23.32 -7.43 -18.62
CA GLN A 17 22.45 -6.69 -19.54
C GLN A 17 21.83 -5.47 -18.88
N ASN A 18 21.68 -5.51 -17.56
CA ASN A 18 21.06 -4.40 -16.83
C ASN A 18 22.02 -3.25 -16.56
N MET A 19 23.30 -3.57 -16.39
CA MET A 19 24.27 -2.60 -15.91
C MET A 19 24.85 -1.85 -17.10
N ASP A 20 25.48 -0.72 -16.85
CA ASP A 20 26.31 -0.07 -17.87
C ASP A 20 27.70 0.24 -17.39
N ALA A 21 28.67 -0.53 -17.88
CA ALA A 21 30.02 -0.48 -17.36
C ALA A 21 30.68 0.84 -17.70
N THR A 22 30.17 1.52 -18.72
CA THR A 22 30.77 2.77 -19.16
C THR A 22 30.76 3.80 -18.03
N THR A 23 29.96 3.52 -17.00
CA THR A 23 29.74 4.50 -15.93
C THR A 23 30.58 4.16 -14.70
N GLU A 24 31.17 5.18 -14.09
CA GLU A 24 31.90 5.01 -12.84
C GLU A 24 30.92 4.82 -11.68
N PRO A 25 30.95 3.64 -11.08
CA PRO A 25 30.04 3.26 -10.01
C PRO A 25 30.10 4.20 -8.80
N CYS A 26 31.23 4.90 -8.66
CA CYS A 26 31.43 5.83 -7.56
C CYS A 26 30.86 7.19 -7.90
N THR A 27 30.40 7.33 -9.13
CA THR A 27 29.84 8.60 -9.59
C THR A 27 28.32 8.53 -9.56
N ASP A 28 27.77 7.41 -10.03
CA ASP A 28 26.32 7.23 -10.05
C ASP A 28 25.93 5.78 -10.18
N PHE A 29 25.85 5.10 -9.03
CA PHE A 29 25.73 3.66 -9.02
C PHE A 29 24.39 3.18 -9.55
N PHE A 30 23.43 4.09 -9.66
CA PHE A 30 22.17 3.79 -10.33
C PHE A 30 22.37 3.60 -11.82
N LYS A 31 23.12 4.51 -12.43
CA LYS A 31 23.42 4.44 -13.86
C LYS A 31 24.31 3.23 -14.14
N TYR A 32 25.31 3.02 -13.30
CA TYR A 32 26.13 1.81 -13.35
C TYR A 32 25.25 0.56 -13.28
N ALA A 33 24.44 0.48 -12.24
CA ALA A 33 23.66 -0.72 -11.97
C ALA A 33 22.61 -0.95 -13.05
N CYS A 34 22.05 0.13 -13.59
CA CYS A 34 20.75 0.05 -14.22
C CYS A 34 20.71 0.68 -15.62
N GLY A 35 21.82 1.27 -16.05
CA GLY A 35 21.81 2.11 -17.23
C GLY A 35 21.55 1.30 -18.49
N GLY A 36 21.94 0.03 -18.46
CA GLY A 36 21.60 -0.91 -19.50
C GLY A 36 20.10 -1.14 -19.61
N TRP A 37 19.44 -1.34 -18.46
CA TRP A 37 18.00 -1.46 -18.45
C TRP A 37 17.34 -0.18 -18.97
N LEU A 38 17.84 0.97 -18.55
CA LEU A 38 17.19 2.23 -18.88
C LEU A 38 17.10 2.37 -20.40
N LYS A 39 18.22 2.15 -21.08
CA LYS A 39 18.32 2.40 -22.50
C LYS A 39 17.42 1.45 -23.28
N ARG A 40 17.33 0.20 -22.84
CA ARG A 40 16.73 -0.87 -23.63
C ARG A 40 15.20 -0.83 -23.66
N ASN A 41 14.59 -0.29 -22.60
CA ASN A 41 13.17 -0.51 -22.32
C ASN A 41 12.41 0.80 -22.22
N VAL A 42 11.10 0.74 -22.43
CA VAL A 42 10.27 1.93 -22.32
C VAL A 42 9.04 1.63 -21.49
N ILE A 43 8.60 2.61 -20.70
CA ILE A 43 7.42 2.46 -19.88
C ILE A 43 6.22 2.22 -20.78
N PRO A 44 5.60 1.06 -20.67
CA PRO A 44 4.37 0.76 -21.42
C PRO A 44 3.30 1.83 -21.20
N GLU A 45 2.35 1.92 -22.12
CA GLU A 45 1.34 2.97 -22.05
C GLU A 45 0.36 2.75 -20.89
N THR A 46 0.38 1.54 -20.34
CA THR A 46 -0.54 1.15 -19.28
C THR A 46 0.14 1.24 -17.91
N SER A 47 1.42 1.58 -17.89
CA SER A 47 2.18 1.60 -16.64
C SER A 47 2.51 3.04 -16.24
N SER A 48 2.31 3.37 -14.98
CA SER A 48 2.73 4.66 -14.46
C SER A 48 4.20 4.57 -14.07
N ARG A 49 4.66 3.34 -13.89
CA ARG A 49 6.01 3.07 -13.45
C ARG A 49 6.40 1.70 -13.97
N TYR A 50 7.68 1.51 -14.23
CA TYR A 50 8.16 0.27 -14.82
C TYR A 50 9.58 -0.01 -14.37
N GLY A 51 9.96 -1.29 -14.40
CA GLY A 51 11.21 -1.72 -13.82
C GLY A 51 11.06 -3.12 -13.27
N ASN A 52 12.08 -3.58 -12.54
CA ASN A 52 12.18 -4.99 -12.24
C ASN A 52 11.06 -5.46 -11.29
N PHE A 53 10.73 -4.66 -10.28
CA PHE A 53 9.64 -5.04 -9.40
C PHE A 53 8.34 -5.16 -10.21
N ASP A 54 8.04 -4.15 -11.01
CA ASP A 54 6.82 -4.15 -11.80
C ASP A 54 6.81 -5.28 -12.84
N ILE A 55 7.99 -5.62 -13.36
CA ILE A 55 8.08 -6.74 -14.29
C ILE A 55 7.76 -8.05 -13.58
N LEU A 56 8.31 -8.25 -12.40
CA LEU A 56 7.94 -9.42 -11.60
C LEU A 56 6.44 -9.51 -11.40
N ARG A 57 5.78 -8.37 -11.23
CA ARG A 57 4.35 -8.37 -10.98
C ARG A 57 3.54 -8.70 -12.23
N ASP A 58 4.03 -8.27 -13.39
CA ASP A 58 3.37 -8.62 -14.64
C ASP A 58 3.52 -10.10 -14.93
N GLU A 59 4.66 -10.64 -14.54
CA GLU A 59 4.90 -12.06 -14.73
C GLU A 59 4.05 -12.88 -13.77
N LEU A 60 3.85 -12.39 -12.56
CA LEU A 60 3.01 -13.09 -11.61
C LEU A 60 1.58 -13.17 -12.12
N GLU A 61 1.10 -12.09 -12.71
CA GLU A 61 -0.26 -12.09 -13.23
C GLU A 61 -0.42 -13.16 -14.33
N VAL A 62 0.65 -13.47 -15.05
CA VAL A 62 0.56 -14.43 -16.15
C VAL A 62 0.21 -15.81 -15.58
N VAL A 63 0.93 -16.21 -14.53
CA VAL A 63 0.58 -17.43 -13.79
C VAL A 63 -0.85 -17.41 -13.29
N LEU A 64 -1.28 -16.28 -12.75
CA LEU A 64 -2.63 -16.16 -12.22
C LEU A 64 -3.62 -16.46 -13.34
N LYS A 65 -3.36 -15.85 -14.49
CA LYS A 65 -4.18 -16.09 -15.67
C LYS A 65 -4.23 -17.57 -15.99
N ASP A 66 -3.08 -18.23 -15.99
CA ASP A 66 -3.01 -19.65 -16.29
C ASP A 66 -3.82 -20.48 -15.31
N VAL A 67 -3.89 -20.06 -14.05
CA VAL A 67 -4.50 -20.90 -13.03
C VAL A 67 -5.99 -20.61 -12.90
N LEU A 68 -6.43 -19.47 -13.39
CA LEU A 68 -7.82 -19.04 -13.22
C LEU A 68 -8.71 -19.34 -14.43
N GLN A 69 -8.12 -19.55 -15.61
CA GLN A 69 -8.87 -19.37 -16.85
C GLN A 69 -9.45 -20.67 -17.36
N GLU A 70 -8.98 -21.78 -16.80
CA GLU A 70 -9.40 -23.13 -17.22
C GLU A 70 -10.05 -23.88 -16.05
N PRO A 71 -11.36 -24.04 -16.10
CA PRO A 71 -12.07 -24.94 -15.17
C PRO A 71 -11.38 -26.30 -15.06
N LYS A 72 -11.30 -26.83 -13.84
CA LYS A 72 -10.77 -28.18 -13.60
C LYS A 72 -11.77 -29.01 -12.81
N THR A 73 -11.80 -30.31 -13.08
CA THR A 73 -12.96 -31.12 -12.73
C THR A 73 -12.98 -31.37 -11.22
N GLU A 74 -11.80 -31.47 -10.62
CA GLU A 74 -11.70 -31.64 -9.18
C GLU A 74 -11.41 -30.33 -8.44
N ASP A 75 -11.67 -29.20 -9.09
CA ASP A 75 -11.76 -27.91 -8.39
C ASP A 75 -12.75 -27.96 -7.23
N ILE A 76 -12.23 -27.80 -6.02
CA ILE A 76 -13.08 -27.51 -4.86
C ILE A 76 -13.75 -26.14 -5.00
N VAL A 77 -14.87 -25.98 -4.31
CA VAL A 77 -15.77 -24.85 -4.50
C VAL A 77 -15.02 -23.53 -4.37
N ALA A 78 -14.03 -23.49 -3.50
CA ALA A 78 -13.29 -22.26 -3.27
C ALA A 78 -12.64 -21.83 -4.57
N VAL A 79 -12.05 -22.78 -5.28
CA VAL A 79 -11.39 -22.47 -6.54
C VAL A 79 -12.44 -22.20 -7.62
N GLN A 80 -13.55 -22.92 -7.56
CA GLN A 80 -14.62 -22.70 -8.52
C GLN A 80 -15.16 -21.26 -8.44
N LYS A 81 -15.15 -20.68 -7.25
CA LYS A 81 -15.78 -19.38 -7.07
C LYS A 81 -14.84 -18.30 -7.59
N ALA A 82 -13.53 -18.51 -7.42
CA ALA A 82 -12.54 -17.60 -7.97
C ALA A 82 -12.55 -17.60 -9.49
N LYS A 83 -12.60 -18.79 -10.06
CA LYS A 83 -12.66 -18.93 -11.50
C LYS A 83 -13.91 -18.26 -12.06
N ALA A 84 -15.03 -18.41 -11.36
CA ALA A 84 -16.28 -17.86 -11.87
C ALA A 84 -16.21 -16.34 -11.79
N LEU A 85 -15.53 -15.83 -10.77
CA LEU A 85 -15.42 -14.40 -10.57
C LEU A 85 -14.50 -13.81 -11.62
N TYR A 86 -13.41 -14.50 -11.89
CA TYR A 86 -12.54 -14.17 -13.01
C TYR A 86 -13.32 -14.12 -14.33
N ARG A 87 -14.03 -15.20 -14.65
CA ARG A 87 -14.79 -15.25 -15.91
C ARG A 87 -15.84 -14.14 -15.96
N SER A 88 -16.36 -13.77 -14.79
CA SER A 88 -17.43 -12.78 -14.73
C SER A 88 -16.81 -11.44 -15.03
N CYS A 89 -15.54 -11.31 -14.69
CA CYS A 89 -14.86 -10.03 -14.77
C CYS A 89 -14.33 -9.79 -16.18
N ILE A 90 -14.02 -10.85 -16.92
CA ILE A 90 -13.40 -10.70 -18.23
C ILE A 90 -14.39 -10.76 -19.36
N ASN A 91 -15.65 -11.08 -19.04
CA ASN A 91 -16.72 -11.02 -20.03
C ASN A 91 -17.24 -9.59 -20.26
N GLU A 92 -16.61 -8.84 -21.17
CA GLU A 92 -16.97 -7.45 -21.39
C GLU A 92 -18.26 -7.32 -22.21
N SER A 93 -18.50 -8.30 -23.09
CA SER A 93 -19.78 -8.40 -23.76
C SER A 93 -20.89 -8.23 -22.73
N ALA A 94 -20.93 -9.12 -21.76
CA ALA A 94 -21.99 -9.08 -20.76
C ALA A 94 -22.01 -7.73 -20.03
N ILE A 95 -20.85 -7.24 -19.61
CA ILE A 95 -20.80 -5.96 -18.90
C ILE A 95 -21.28 -4.82 -19.78
N ASP A 96 -20.78 -4.74 -21.00
CA ASP A 96 -21.17 -3.66 -21.92
C ASP A 96 -22.67 -3.66 -22.19
N SER A 97 -23.23 -4.84 -22.41
CA SER A 97 -24.67 -5.01 -22.52
C SER A 97 -25.43 -4.18 -21.49
N ARG A 98 -24.92 -4.17 -20.25
CA ARG A 98 -25.72 -3.73 -19.11
C ARG A 98 -25.69 -2.22 -18.93
N GLY A 99 -24.88 -1.54 -19.74
CA GLY A 99 -24.77 -0.09 -19.66
C GLY A 99 -24.34 0.38 -18.29
N GLY A 100 -25.10 1.31 -17.73
CA GLY A 100 -24.83 1.82 -16.38
C GLY A 100 -25.84 1.30 -15.38
N GLU A 101 -26.77 0.48 -15.86
CA GLU A 101 -28.03 0.23 -15.19
C GLU A 101 -27.85 -0.39 -13.80
N PRO A 102 -26.77 -1.12 -13.61
CA PRO A 102 -26.39 -1.61 -12.27
C PRO A 102 -25.87 -0.52 -11.31
N LEU A 103 -25.38 0.60 -11.86
CA LEU A 103 -25.18 1.81 -11.06
C LEU A 103 -26.51 2.47 -10.70
N LEU A 104 -27.37 2.61 -11.70
CA LEU A 104 -28.63 3.30 -11.56
C LEU A 104 -29.47 2.62 -10.46
N LYS A 105 -29.34 1.30 -10.37
CA LYS A 105 -30.13 0.56 -9.40
C LYS A 105 -29.49 0.63 -8.02
N LEU A 106 -28.21 0.98 -7.99
CA LEU A 106 -27.51 1.17 -6.72
C LEU A 106 -27.94 2.47 -6.05
N LEU A 107 -28.07 3.52 -6.84
CA LEU A 107 -27.97 4.89 -6.34
C LEU A 107 -29.01 5.17 -5.24
N PRO A 108 -30.23 4.68 -5.42
CA PRO A 108 -31.28 4.84 -4.41
C PRO A 108 -30.90 4.30 -3.04
N ASP A 109 -29.90 3.41 -3.00
CA ASP A 109 -29.53 2.79 -1.75
C ASP A 109 -28.57 3.67 -0.96
N ILE A 110 -28.06 4.72 -1.59
CA ILE A 110 -27.12 5.62 -0.95
C ILE A 110 -27.64 7.05 -0.92
N TYR A 111 -28.95 7.20 -1.03
CA TYR A 111 -29.57 8.52 -0.93
C TYR A 111 -29.28 9.35 -2.18
N GLY A 112 -28.95 8.68 -3.27
CA GLY A 112 -29.02 9.29 -4.58
C GLY A 112 -27.72 9.96 -4.96
N TRP A 113 -27.59 10.34 -6.22
CA TRP A 113 -26.63 11.37 -6.60
C TRP A 113 -27.35 12.60 -7.14
N PRO A 114 -27.48 13.61 -6.27
CA PRO A 114 -28.34 14.77 -6.52
C PRO A 114 -28.18 15.39 -7.90
N VAL A 115 -26.96 15.67 -8.33
CA VAL A 115 -26.74 16.34 -9.60
C VAL A 115 -27.26 15.50 -10.75
N ALA A 116 -27.46 14.23 -10.49
CA ALA A 116 -27.98 13.32 -11.51
C ALA A 116 -29.38 12.85 -11.12
N THR A 117 -30.04 13.62 -10.29
CA THR A 117 -31.35 13.26 -9.80
C THR A 117 -32.31 14.44 -9.90
N GLU A 118 -33.50 14.20 -10.45
CA GLU A 118 -34.60 15.15 -10.36
C GLU A 118 -35.08 15.26 -8.92
N ASN A 119 -35.35 16.49 -8.48
CA ASN A 119 -36.07 16.72 -7.24
C ASN A 119 -35.51 15.93 -6.06
N TRP A 120 -34.20 15.99 -5.90
CA TRP A 120 -33.50 15.22 -4.87
C TRP A 120 -33.95 15.60 -3.47
N GLU A 121 -34.19 16.88 -3.25
CA GLU A 121 -34.59 17.34 -1.93
C GLU A 121 -35.90 16.67 -1.52
N GLN A 122 -36.79 16.49 -2.49
CA GLN A 122 -38.07 15.81 -2.26
C GLN A 122 -37.87 14.31 -2.08
N LYS A 123 -37.04 13.73 -2.95
CA LYS A 123 -36.92 12.28 -3.01
C LYS A 123 -36.22 11.77 -1.75
N TYR A 124 -35.11 12.42 -1.41
CA TYR A 124 -34.16 11.88 -0.45
C TYR A 124 -33.94 12.86 0.70
N GLY A 125 -33.94 14.15 0.37
CA GLY A 125 -33.48 15.17 1.29
C GLY A 125 -34.38 15.32 2.50
N ALA A 126 -35.52 14.64 2.48
CA ALA A 126 -36.50 14.79 3.56
C ALA A 126 -36.22 13.78 4.66
N SER A 127 -35.80 12.58 4.26
CA SER A 127 -35.38 11.55 5.20
C SER A 127 -33.88 11.64 5.54
N TRP A 128 -33.09 12.06 4.57
CA TRP A 128 -31.66 12.32 4.75
C TRP A 128 -31.27 12.84 6.14
N THR A 129 -30.21 12.27 6.69
CA THR A 129 -29.29 13.03 7.55
C THR A 129 -27.85 12.53 7.44
N ALA A 130 -26.91 13.40 7.81
CA ALA A 130 -25.50 13.09 7.65
C ALA A 130 -25.20 11.73 8.26
N GLU A 131 -25.79 11.49 9.43
CA GLU A 131 -25.44 10.31 10.22
C GLU A 131 -25.80 9.05 9.43
N LYS A 132 -26.97 9.07 8.79
CA LYS A 132 -27.47 7.91 8.06
C LYS A 132 -26.77 7.74 6.72
N ALA A 133 -26.50 8.87 6.06
CA ALA A 133 -25.99 8.83 4.70
C ALA A 133 -24.52 8.40 4.71
N ILE A 134 -23.74 8.99 5.60
CA ILE A 134 -22.36 8.59 5.80
C ILE A 134 -22.30 7.15 6.26
N ALA A 135 -23.24 6.78 7.11
CA ALA A 135 -23.21 5.47 7.73
C ALA A 135 -23.60 4.41 6.70
N GLN A 136 -24.57 4.72 5.85
CA GLN A 136 -25.00 3.79 4.82
C GLN A 136 -23.84 3.50 3.90
N LEU A 137 -23.25 4.56 3.38
CA LEU A 137 -22.07 4.46 2.55
C LEU A 137 -20.99 3.63 3.23
N ASN A 138 -20.80 3.85 4.53
CA ASN A 138 -19.73 3.17 5.26
C ASN A 138 -20.04 1.69 5.50
N SER A 139 -21.22 1.39 6.03
CA SER A 139 -21.45 0.07 6.60
C SER A 139 -21.71 -0.94 5.49
N LYS A 140 -22.31 -0.49 4.40
CA LYS A 140 -22.85 -1.41 3.40
C LYS A 140 -21.85 -1.58 2.27
N TYR A 141 -21.06 -0.55 2.01
CA TYR A 141 -20.24 -0.49 0.80
C TYR A 141 -18.79 -0.17 1.13
N GLY A 142 -18.52 0.10 2.39
CA GLY A 142 -17.15 0.30 2.86
C GLY A 142 -16.50 1.55 2.28
N LYS A 143 -17.33 2.46 1.78
CA LYS A 143 -16.84 3.77 1.38
C LYS A 143 -16.97 4.78 2.53
N LYS A 144 -15.85 5.35 2.93
CA LYS A 144 -15.80 6.22 4.08
C LYS A 144 -15.61 7.64 3.62
N VAL A 145 -16.63 8.47 3.80
CA VAL A 145 -16.59 9.86 3.37
C VAL A 145 -16.83 10.78 4.57
N LEU A 146 -16.11 11.91 4.59
CA LEU A 146 -16.33 13.00 5.54
C LEU A 146 -15.72 12.66 6.88
N ILE A 147 -16.18 11.55 7.45
CA ILE A 147 -15.71 11.06 8.73
C ILE A 147 -15.47 9.56 8.61
N ASN A 148 -14.21 9.15 8.67
CA ASN A 148 -13.87 7.75 8.52
C ASN A 148 -13.90 7.03 9.85
N LEU A 149 -14.93 6.21 10.04
CA LEU A 149 -15.03 5.35 11.21
C LEU A 149 -14.88 3.90 10.79
N PHE A 150 -13.97 3.18 11.46
CA PHE A 150 -13.67 1.78 11.16
C PHE A 150 -13.35 0.99 12.41
N VAL A 151 -13.47 -0.33 12.31
CA VAL A 151 -13.03 -1.24 13.34
C VAL A 151 -11.64 -1.76 13.00
N GLY A 152 -10.67 -1.50 13.86
CA GLY A 152 -9.34 -2.07 13.70
C GLY A 152 -8.75 -2.57 14.99
N THR A 153 -7.49 -3.01 14.92
CA THR A 153 -6.73 -3.45 16.08
C THR A 153 -6.43 -2.25 16.98
N ASP A 154 -6.64 -2.40 18.28
CA ASP A 154 -6.31 -1.35 19.24
C ASP A 154 -4.80 -1.29 19.44
N ASP A 155 -4.20 -0.15 19.14
CA ASP A 155 -2.74 -0.02 19.18
C ASP A 155 -2.18 -0.29 20.58
N LYS A 156 -2.97 -0.05 21.62
CA LYS A 156 -2.49 -0.21 22.98
C LYS A 156 -2.92 -1.55 23.60
N ASN A 157 -3.69 -2.34 22.86
CA ASN A 157 -3.94 -3.73 23.24
C ASN A 157 -4.26 -4.58 22.02
N SER A 158 -3.27 -5.33 21.57
CA SER A 158 -3.21 -5.82 20.20
C SER A 158 -4.02 -7.09 20.05
N VAL A 159 -4.62 -7.55 21.14
CA VAL A 159 -5.52 -8.69 21.07
C VAL A 159 -6.95 -8.25 20.84
N ASN A 160 -7.21 -6.95 20.95
CA ASN A 160 -8.57 -6.45 20.87
C ASN A 160 -8.82 -5.55 19.68
N HIS A 161 -10.11 -5.39 19.36
CA HIS A 161 -10.56 -4.44 18.37
C HIS A 161 -11.19 -3.22 19.04
N VAL A 162 -11.03 -2.04 18.43
CA VAL A 162 -11.73 -0.84 18.87
C VAL A 162 -12.30 -0.09 17.68
N ILE A 163 -13.35 0.69 17.93
CA ILE A 163 -13.80 1.69 16.98
C ILE A 163 -12.79 2.83 16.91
N HIS A 164 -12.42 3.21 15.69
CA HIS A 164 -11.55 4.35 15.41
C HIS A 164 -12.35 5.43 14.68
N ILE A 165 -11.95 6.68 14.88
CA ILE A 165 -12.39 7.77 14.01
C ILE A 165 -11.19 8.52 13.43
N ASP A 166 -11.14 8.62 12.11
CA ASP A 166 -10.01 9.26 11.44
C ASP A 166 -10.51 10.18 10.32
N GLN A 167 -9.63 11.04 9.82
CA GLN A 167 -9.95 11.86 8.66
C GLN A 167 -10.11 10.96 7.44
N PRO A 168 -10.95 11.38 6.50
CA PRO A 168 -11.23 10.57 5.30
C PRO A 168 -10.17 10.74 4.24
N ARG A 169 -10.06 9.75 3.37
CA ARG A 169 -9.27 9.87 2.14
C ARG A 169 -9.92 10.85 1.19
N LEU A 170 -9.14 11.37 0.26
CA LEU A 170 -9.63 12.32 -0.74
C LEU A 170 -9.71 11.69 -2.12
N GLY A 171 -10.33 12.40 -3.05
CA GLY A 171 -10.53 11.89 -4.40
C GLY A 171 -9.29 12.06 -5.24
N LEU A 172 -8.50 13.08 -4.93
CA LEU A 172 -7.18 13.22 -5.50
C LEU A 172 -6.16 12.62 -4.54
N PRO A 173 -4.96 12.32 -5.03
CA PRO A 173 -4.03 11.44 -4.33
C PRO A 173 -3.55 11.99 -2.98
N SER A 174 -3.43 13.31 -2.87
CA SER A 174 -2.95 13.93 -1.64
C SER A 174 -3.51 15.34 -1.48
N ARG A 175 -3.52 15.82 -0.24
CA ARG A 175 -4.07 17.13 0.05
C ARG A 175 -3.41 18.20 -0.80
N ASP A 176 -2.16 17.98 -1.18
CA ASP A 176 -1.40 18.94 -1.95
C ASP A 176 -2.09 19.25 -3.28
N TYR A 177 -2.68 18.24 -3.90
CA TYR A 177 -3.22 18.38 -5.25
C TYR A 177 -4.23 19.53 -5.29
N TYR A 178 -4.86 19.81 -4.15
CA TYR A 178 -6.04 20.66 -4.12
C TYR A 178 -5.67 22.14 -4.17
N GLU A 179 -4.37 22.42 -4.18
CA GLU A 179 -3.87 23.73 -4.57
C GLU A 179 -4.28 24.01 -6.00
N CYS A 180 -4.25 22.97 -6.81
CA CYS A 180 -4.87 23.02 -8.12
C CYS A 180 -4.14 24.03 -9.01
N THR A 181 -2.88 24.29 -8.66
CA THR A 181 -2.02 25.15 -9.46
C THR A 181 -0.84 24.37 -10.02
N GLY A 182 -0.28 24.87 -11.12
CA GLY A 182 1.00 24.38 -11.60
C GLY A 182 0.93 22.92 -11.98
N ILE A 183 1.79 22.11 -11.36
CA ILE A 183 1.84 20.68 -11.66
C ILE A 183 0.54 19.97 -11.28
N TYR A 184 -0.37 20.68 -10.63
CA TYR A 184 -1.58 20.06 -10.13
C TYR A 184 -2.82 20.44 -10.95
N LYS A 185 -2.67 21.39 -11.85
CA LYS A 185 -3.82 22.07 -12.43
C LYS A 185 -4.61 21.09 -13.28
N GLU A 186 -3.89 20.29 -14.06
CA GLU A 186 -4.56 19.41 -15.01
C GLU A 186 -5.30 18.30 -14.26
N ALA A 187 -4.72 17.81 -13.18
CA ALA A 187 -5.38 16.80 -12.37
C ALA A 187 -6.67 17.37 -11.80
N CYS A 188 -6.63 18.63 -11.39
CA CYS A 188 -7.79 19.25 -10.79
C CYS A 188 -8.88 19.44 -11.83
N THR A 189 -8.48 19.86 -13.02
CA THR A 189 -9.43 20.10 -14.10
C THR A 189 -10.04 18.79 -14.56
N ALA A 190 -9.19 17.80 -14.81
CA ALA A 190 -9.68 16.49 -15.19
C ALA A 190 -10.62 15.87 -14.14
N TYR A 191 -10.33 16.11 -12.86
CA TYR A 191 -11.17 15.60 -11.77
C TYR A 191 -12.61 16.08 -11.89
N VAL A 192 -12.79 17.38 -12.08
CA VAL A 192 -14.12 17.96 -12.10
C VAL A 192 -14.82 17.67 -13.42
N ASP A 193 -14.06 17.64 -14.51
CA ASP A 193 -14.55 17.14 -15.78
C ASP A 193 -14.97 15.69 -15.71
N PHE A 194 -14.31 14.91 -14.87
CA PHE A 194 -14.69 13.53 -14.63
C PHE A 194 -16.05 13.49 -13.92
N MET A 195 -16.17 14.18 -12.80
CA MET A 195 -17.47 14.39 -12.17
C MET A 195 -18.52 14.70 -13.23
N ILE A 196 -18.23 15.69 -14.05
CA ILE A 196 -19.23 16.25 -14.95
C ILE A 196 -19.58 15.21 -16.00
N SER A 197 -18.57 14.50 -16.50
CA SER A 197 -18.78 13.51 -17.53
C SER A 197 -19.67 12.38 -17.01
N VAL A 198 -19.50 12.03 -15.74
CA VAL A 198 -20.22 10.90 -15.19
C VAL A 198 -21.66 11.29 -14.89
N ALA A 199 -21.86 12.48 -14.34
CA ALA A 199 -23.22 12.96 -14.10
C ALA A 199 -23.98 13.07 -15.41
N ARG A 200 -23.26 13.33 -16.50
CA ARG A 200 -23.90 13.53 -17.79
C ARG A 200 -24.44 12.22 -18.33
N LEU A 201 -23.60 11.19 -18.32
CA LEU A 201 -23.98 9.89 -18.84
C LEU A 201 -25.15 9.31 -18.05
N ILE A 202 -25.08 9.42 -16.73
CA ILE A 202 -26.19 8.97 -15.91
C ILE A 202 -27.48 9.68 -16.29
N ARG A 203 -27.42 11.00 -16.41
CA ARG A 203 -28.58 11.79 -16.79
C ARG A 203 -29.12 11.34 -18.13
N GLN A 204 -28.22 11.12 -19.09
CA GLN A 204 -28.63 10.76 -20.44
C GLN A 204 -29.32 9.39 -20.42
N GLU A 205 -28.77 8.48 -19.64
CA GLU A 205 -29.25 7.12 -19.61
C GLU A 205 -30.63 7.09 -18.95
N GLU A 206 -30.82 7.98 -17.98
CA GLU A 206 -32.12 8.12 -17.33
C GLU A 206 -33.04 8.98 -18.17
N ARG A 207 -32.57 9.39 -19.33
CA ARG A 207 -33.32 10.29 -20.19
C ARG A 207 -33.81 11.47 -19.39
N LEU A 208 -32.88 12.16 -18.73
CA LEU A 208 -33.19 13.45 -18.11
C LEU A 208 -32.57 14.58 -18.91
N PRO A 209 -33.08 15.80 -18.68
CA PRO A 209 -32.59 16.98 -19.39
C PRO A 209 -31.19 17.36 -18.91
N ILE A 210 -30.35 17.77 -19.86
CA ILE A 210 -28.98 18.11 -19.52
C ILE A 210 -28.73 19.60 -19.68
N ASP A 211 -28.42 20.25 -18.55
CA ASP A 211 -28.00 21.64 -18.55
C ASP A 211 -26.53 21.74 -18.14
N GLU A 212 -25.67 21.93 -19.11
CA GLU A 212 -24.22 21.87 -18.87
C GLU A 212 -23.82 22.86 -17.78
N ASN A 213 -24.52 23.98 -17.70
CA ASN A 213 -24.14 25.03 -16.76
C ASN A 213 -24.36 24.65 -15.30
N GLN A 214 -25.45 23.95 -15.02
CA GLN A 214 -25.75 23.55 -13.65
C GLN A 214 -24.97 22.32 -13.22
N LEU A 215 -24.54 21.50 -14.18
CA LEU A 215 -23.56 20.46 -13.92
C LEU A 215 -22.22 21.04 -13.51
N ALA A 216 -21.63 21.83 -14.40
CA ALA A 216 -20.41 22.55 -14.09
C ALA A 216 -20.53 23.19 -12.71
N LEU A 217 -21.75 23.61 -12.36
CA LEU A 217 -21.94 24.46 -11.18
C LEU A 217 -22.01 23.65 -9.89
N GLU A 218 -22.69 22.50 -9.93
CA GLU A 218 -22.78 21.64 -8.76
C GLU A 218 -21.43 20.95 -8.54
N MET A 219 -20.78 20.58 -9.63
CA MET A 219 -19.59 19.74 -9.51
C MET A 219 -18.41 20.58 -9.04
N ASN A 220 -18.38 21.84 -9.45
CA ASN A 220 -17.42 22.78 -8.91
C ASN A 220 -17.68 23.03 -7.43
N LYS A 221 -18.96 23.07 -7.06
CA LYS A 221 -19.32 23.14 -5.67
C LYS A 221 -18.66 21.97 -4.92
N VAL A 222 -18.81 20.76 -5.46
CA VAL A 222 -18.28 19.59 -4.77
C VAL A 222 -16.77 19.74 -4.58
N MET A 223 -16.08 20.21 -5.62
CA MET A 223 -14.64 20.46 -5.54
C MET A 223 -14.27 21.45 -4.44
N GLU A 224 -15.04 22.52 -4.31
CA GLU A 224 -14.74 23.53 -3.29
C GLU A 224 -14.97 22.95 -1.90
N LEU A 225 -16.00 22.13 -1.76
CA LEU A 225 -16.21 21.38 -0.53
C LEU A 225 -14.97 20.59 -0.16
N GLU A 226 -14.43 19.84 -1.11
CA GLU A 226 -13.40 18.85 -0.79
C GLU A 226 -12.07 19.56 -0.58
N LYS A 227 -11.81 20.60 -1.36
CA LYS A 227 -10.73 21.53 -1.08
C LYS A 227 -10.69 21.86 0.41
N GLU A 228 -11.83 22.27 0.96
CA GLU A 228 -11.91 22.59 2.38
C GLU A 228 -11.63 21.37 3.25
N ILE A 229 -12.27 20.25 2.95
CA ILE A 229 -11.98 19.01 3.65
C ILE A 229 -10.48 18.73 3.59
N ALA A 230 -9.94 18.85 2.39
CA ALA A 230 -8.53 18.57 2.17
C ALA A 230 -7.64 19.42 3.08
N ASN A 231 -7.86 20.73 3.06
CA ASN A 231 -7.05 21.66 3.84
C ASN A 231 -7.21 21.41 5.32
N ALA A 232 -8.36 20.87 5.71
CA ALA A 232 -8.62 20.56 7.11
C ALA A 232 -7.88 19.30 7.57
N THR A 233 -7.56 18.41 6.64
CA THR A 233 -6.87 17.18 7.02
C THR A 233 -5.47 17.48 7.51
N ALA A 234 -4.94 16.57 8.32
CA ALA A 234 -3.60 16.71 8.85
C ALA A 234 -2.58 16.11 7.88
N LYS A 235 -1.45 16.79 7.71
CA LYS A 235 -0.35 16.30 6.89
C LYS A 235 0.12 14.96 7.40
N PRO A 236 0.70 14.16 6.51
CA PRO A 236 1.41 12.93 6.90
C PRO A 236 2.42 13.20 8.00
N GLU A 237 3.10 14.33 7.92
CA GLU A 237 4.20 14.64 8.81
C GLU A 237 3.71 14.92 10.24
N ASP A 238 2.47 15.38 10.38
CA ASP A 238 1.89 15.59 11.70
C ASP A 238 1.22 14.32 12.24
N ARG A 239 1.41 13.21 11.54
CA ARG A 239 0.66 11.99 11.83
C ARG A 239 1.60 10.82 12.08
N ASN A 240 2.90 11.11 12.14
CA ASN A 240 3.91 10.06 12.08
C ASN A 240 4.34 9.62 13.48
N ASP A 241 3.74 10.22 14.50
CA ASP A 241 4.00 9.80 15.86
C ASP A 241 2.77 9.12 16.45
N PRO A 242 2.85 7.79 16.55
CA PRO A 242 1.70 6.98 16.95
C PRO A 242 1.28 7.20 18.41
N MET A 243 2.17 7.72 19.25
CA MET A 243 1.78 8.08 20.61
C MET A 243 0.92 9.34 20.62
N LEU A 244 1.21 10.26 19.70
CA LEU A 244 0.41 11.47 19.57
C LEU A 244 -0.90 11.18 18.85
N LEU A 245 -0.85 10.28 17.87
CA LEU A 245 -2.03 9.97 17.06
C LEU A 245 -3.08 9.28 17.92
N TYR A 246 -2.60 8.53 18.92
CA TYR A 246 -3.49 7.71 19.74
C TYR A 246 -4.21 8.52 20.82
N ASN A 247 -5.46 8.88 20.57
CA ASN A 247 -6.28 9.57 21.57
C ASN A 247 -7.57 8.82 21.92
N LYS A 248 -7.54 8.02 22.98
CA LYS A 248 -8.71 7.21 23.35
C LYS A 248 -9.75 7.96 24.16
N MET A 249 -11.01 7.81 23.74
CA MET A 249 -12.10 8.71 24.11
C MET A 249 -13.38 7.88 24.20
N THR A 250 -14.25 8.24 25.14
CA THR A 250 -15.61 7.72 25.15
C THR A 250 -16.47 8.47 24.15
N LEU A 251 -17.33 7.75 23.46
CA LEU A 251 -18.30 8.37 22.57
C LEU A 251 -18.90 9.60 23.22
N ALA A 252 -18.96 9.60 24.55
CA ALA A 252 -19.53 10.72 25.30
C ALA A 252 -18.58 11.91 25.31
N GLN A 253 -17.30 11.69 25.56
CA GLN A 253 -16.32 12.74 25.37
C GLN A 253 -16.41 13.27 23.94
N ILE A 254 -16.54 12.35 22.99
CA ILE A 254 -16.50 12.75 21.59
C ILE A 254 -17.63 13.71 21.31
N GLN A 255 -18.81 13.38 21.81
CA GLN A 255 -20.00 14.21 21.59
C GLN A 255 -19.82 15.61 22.16
N ASN A 256 -19.10 15.69 23.29
CA ASN A 256 -18.92 16.97 23.96
C ASN A 256 -17.83 17.83 23.33
N ASN A 257 -16.80 17.17 22.79
CA ASN A 257 -15.61 17.88 22.35
C ASN A 257 -15.59 18.12 20.85
N PHE A 258 -16.42 17.38 20.11
CA PHE A 258 -16.41 17.45 18.64
C PHE A 258 -17.82 17.54 18.08
N SER A 259 -18.52 18.60 18.44
CA SER A 259 -19.87 18.82 17.93
C SER A 259 -19.79 19.16 16.45
N LEU A 260 -20.78 18.70 15.69
CA LEU A 260 -20.97 19.15 14.31
C LEU A 260 -22.41 19.54 14.07
N GLU A 261 -22.62 20.45 13.13
CA GLU A 261 -23.96 20.79 12.69
C GLU A 261 -24.08 20.65 11.17
N ILE A 262 -24.68 19.55 10.74
CA ILE A 262 -24.83 19.26 9.32
C ILE A 262 -26.28 19.38 8.88
N ASN A 263 -26.51 20.11 7.79
CA ASN A 263 -27.86 20.36 7.33
C ASN A 263 -28.77 20.81 8.48
N GLY A 264 -28.16 21.35 9.54
CA GLY A 264 -28.88 21.61 10.77
C GLY A 264 -29.29 20.33 11.47
N LYS A 265 -28.31 19.53 11.87
CA LYS A 265 -28.58 18.41 12.77
C LYS A 265 -29.19 18.88 14.08
N PRO A 266 -28.37 19.07 15.11
CA PRO A 266 -26.93 18.79 15.06
C PRO A 266 -26.55 17.31 15.19
N PHE A 267 -25.26 17.04 15.02
CA PHE A 267 -24.77 15.70 14.70
C PHE A 267 -24.67 14.90 15.99
N SER A 268 -25.10 13.64 15.92
CA SER A 268 -25.16 12.80 17.11
C SER A 268 -24.26 11.58 16.89
N TRP A 269 -23.18 11.52 17.64
CA TRP A 269 -22.16 10.52 17.38
C TRP A 269 -22.68 9.12 17.67
N LEU A 270 -23.45 8.97 18.74
CA LEU A 270 -24.02 7.68 19.09
C LEU A 270 -24.92 7.15 17.97
N ASN A 271 -25.67 8.04 17.34
CA ASN A 271 -26.58 7.63 16.27
C ASN A 271 -25.80 7.22 15.04
N PHE A 272 -24.89 8.09 14.63
CA PHE A 272 -23.91 7.76 13.60
C PHE A 272 -23.32 6.38 13.87
N THR A 273 -22.75 6.21 15.06
CA THR A 273 -22.03 4.97 15.39
C THR A 273 -22.97 3.76 15.37
N ASN A 274 -24.19 3.94 15.87
CA ASN A 274 -25.14 2.83 15.90
C ASN A 274 -25.71 2.54 14.50
N GLU A 275 -25.80 3.57 13.67
CA GLU A 275 -26.30 3.37 12.30
C GLU A 275 -25.32 2.51 11.51
N ILE A 276 -24.06 2.51 11.94
CA ILE A 276 -23.07 1.59 11.39
C ILE A 276 -23.16 0.22 12.04
N MET A 277 -23.00 0.16 13.36
CA MET A 277 -22.79 -1.12 14.04
C MET A 277 -24.07 -1.95 14.11
N SER A 278 -25.22 -1.32 13.92
CA SER A 278 -26.50 -2.03 13.98
C SER A 278 -26.64 -3.01 12.81
N THR A 279 -25.57 -3.14 12.03
CA THR A 279 -25.63 -3.83 10.75
C THR A 279 -24.92 -5.18 10.87
N VAL A 280 -24.06 -5.30 11.86
CA VAL A 280 -23.71 -6.58 12.46
C VAL A 280 -24.44 -6.77 13.79
N ASN A 281 -25.57 -6.09 13.93
CA ASN A 281 -26.38 -6.17 15.13
C ASN A 281 -25.59 -5.98 16.43
N ILE A 282 -24.77 -4.95 16.48
CA ILE A 282 -24.07 -4.62 17.72
C ILE A 282 -24.54 -3.29 18.29
N SER A 283 -24.54 -3.21 19.61
CA SER A 283 -25.17 -2.12 20.33
C SER A 283 -24.09 -1.26 20.93
N ILE A 284 -24.19 0.05 20.70
CA ILE A 284 -23.24 0.99 21.27
C ILE A 284 -23.97 1.99 22.15
N THR A 285 -23.47 2.15 23.37
CA THR A 285 -23.85 3.26 24.22
C THR A 285 -22.68 4.24 24.36
N ASN A 286 -22.93 5.36 25.01
CA ASN A 286 -22.04 6.52 24.92
C ASN A 286 -20.84 6.27 25.81
N GLU A 287 -20.77 5.07 26.36
CA GLU A 287 -19.63 4.67 27.18
C GLU A 287 -18.55 3.96 26.36
N GLU A 288 -18.88 3.62 25.12
CA GLU A 288 -17.92 2.99 24.21
C GLU A 288 -16.59 3.76 24.14
N ASP A 289 -15.49 3.03 24.26
CA ASP A 289 -14.17 3.61 23.99
C ASP A 289 -13.91 3.73 22.48
N VAL A 290 -13.36 4.86 22.07
CA VAL A 290 -13.02 5.09 20.68
C VAL A 290 -11.64 5.71 20.56
N VAL A 291 -10.88 5.24 19.58
CA VAL A 291 -9.63 5.86 19.25
C VAL A 291 -9.82 6.92 18.16
N VAL A 292 -9.58 8.18 18.54
CA VAL A 292 -9.71 9.29 17.61
C VAL A 292 -8.35 9.71 17.05
N TYR A 293 -8.18 9.58 15.75
CA TYR A 293 -6.88 9.77 15.13
C TYR A 293 -6.72 11.21 14.63
N ALA A 294 -7.84 11.87 14.39
CA ALA A 294 -7.81 13.23 13.85
C ALA A 294 -8.73 14.16 14.65
N PRO A 295 -8.45 14.28 15.93
CA PRO A 295 -9.16 15.24 16.78
C PRO A 295 -9.29 16.60 16.09
N GLU A 296 -8.19 17.05 15.49
CA GLU A 296 -8.12 18.42 14.98
C GLU A 296 -8.86 18.56 13.66
N TYR A 297 -8.87 17.49 12.87
CA TYR A 297 -9.71 17.45 11.67
C TYR A 297 -11.16 17.64 12.06
N LEU A 298 -11.59 16.88 13.06
CA LEU A 298 -12.97 16.93 13.53
C LEU A 298 -13.34 18.33 14.00
N THR A 299 -12.44 18.96 14.75
CA THR A 299 -12.70 20.31 15.24
C THR A 299 -12.81 21.26 14.06
N LYS A 300 -11.93 21.09 13.08
CA LYS A 300 -11.90 21.92 11.88
C LYS A 300 -13.12 21.68 10.97
N LEU A 301 -13.58 20.44 10.92
CA LEU A 301 -14.77 20.08 10.14
C LEU A 301 -15.95 21.00 10.42
N LYS A 302 -16.09 21.43 11.67
CA LYS A 302 -17.35 21.96 12.18
C LYS A 302 -17.84 23.12 11.31
N PRO A 303 -17.08 24.21 11.28
CA PRO A 303 -17.46 25.44 10.57
C PRO A 303 -17.38 25.33 9.05
N ILE A 304 -16.77 24.26 8.53
CA ILE A 304 -16.87 23.95 7.12
C ILE A 304 -18.22 23.33 6.77
N LEU A 305 -18.58 22.26 7.47
CA LEU A 305 -19.75 21.47 7.13
C LEU A 305 -21.02 22.34 7.19
N THR A 306 -21.02 23.32 8.09
CA THR A 306 -22.20 24.14 8.32
C THR A 306 -22.57 24.92 7.07
N LYS A 307 -21.61 25.12 6.17
CA LYS A 307 -21.76 26.10 5.11
C LYS A 307 -22.50 25.50 3.92
N TYR A 308 -22.73 24.20 3.96
CA TYR A 308 -23.02 23.46 2.74
C TYR A 308 -24.38 22.77 2.86
N SER A 309 -25.10 22.67 1.75
CA SER A 309 -26.39 22.00 1.75
C SER A 309 -26.22 20.50 1.87
N ALA A 310 -27.20 19.85 2.49
CA ALA A 310 -27.40 18.42 2.33
C ALA A 310 -27.15 17.97 0.89
N ARG A 311 -27.71 18.70 -0.07
CA ARG A 311 -27.50 18.39 -1.47
C ARG A 311 -26.01 18.41 -1.78
N ASP A 312 -25.30 19.40 -1.26
CA ASP A 312 -23.89 19.61 -1.56
C ASP A 312 -23.05 18.46 -1.00
N LEU A 313 -23.26 18.16 0.27
CA LEU A 313 -22.58 17.07 0.93
C LEU A 313 -22.75 15.78 0.15
N GLN A 314 -24.01 15.44 -0.14
CA GLN A 314 -24.33 14.15 -0.71
C GLN A 314 -23.80 14.05 -2.13
N ASN A 315 -23.72 15.19 -2.82
CA ASN A 315 -23.10 15.24 -4.14
C ASN A 315 -21.63 14.84 -4.11
N LEU A 316 -20.94 15.17 -3.01
CA LEU A 316 -19.55 14.73 -2.84
C LEU A 316 -19.53 13.28 -2.40
N MET A 317 -20.29 13.00 -1.34
CA MET A 317 -20.34 11.66 -0.79
C MET A 317 -20.54 10.61 -1.87
N SER A 318 -21.58 10.77 -2.69
CA SER A 318 -21.92 9.74 -3.67
C SER A 318 -20.86 9.71 -4.77
N TRP A 319 -20.36 10.87 -5.16
CA TRP A 319 -19.32 10.95 -6.17
C TRP A 319 -18.12 10.09 -5.80
N ARG A 320 -17.78 10.07 -4.52
CA ARG A 320 -16.56 9.44 -4.07
C ARG A 320 -16.69 7.92 -4.13
N PHE A 321 -17.93 7.45 -4.06
CA PHE A 321 -18.23 6.04 -4.30
C PHE A 321 -18.29 5.75 -5.79
N ILE A 322 -19.03 6.57 -6.53
CA ILE A 322 -19.28 6.33 -7.95
C ILE A 322 -17.98 6.37 -8.74
N MET A 323 -17.07 7.26 -8.32
CA MET A 323 -15.70 7.23 -8.80
C MET A 323 -15.25 5.81 -9.05
N ASP A 324 -15.25 5.01 -7.98
CA ASP A 324 -14.60 3.71 -7.98
C ASP A 324 -15.30 2.79 -8.97
N LEU A 325 -16.61 2.98 -9.11
CA LEU A 325 -17.48 1.96 -9.68
C LEU A 325 -17.43 2.01 -11.20
N VAL A 326 -17.08 3.16 -11.73
CA VAL A 326 -17.50 3.50 -13.08
C VAL A 326 -16.71 2.67 -14.09
N SER A 327 -15.57 2.15 -13.67
CA SER A 327 -14.74 1.35 -14.56
C SER A 327 -15.14 -0.12 -14.48
N SER A 328 -16.22 -0.39 -13.76
CA SER A 328 -16.79 -1.73 -13.73
C SER A 328 -18.10 -1.75 -14.53
N LEU A 329 -18.35 -0.67 -15.26
CA LEU A 329 -19.51 -0.59 -16.13
C LEU A 329 -19.11 -0.69 -17.59
N SER A 330 -20.02 -0.27 -18.46
CA SER A 330 -19.82 -0.34 -19.91
C SER A 330 -18.73 0.63 -20.37
N ARG A 331 -18.29 0.46 -21.61
CA ARG A 331 -17.09 1.10 -22.09
C ARG A 331 -17.20 2.62 -21.94
N THR A 332 -18.38 3.14 -22.25
CA THR A 332 -18.62 4.57 -22.18
C THR A 332 -18.38 5.12 -20.78
N TYR A 333 -18.72 4.34 -19.76
CA TYR A 333 -18.40 4.74 -18.40
C TYR A 333 -16.92 4.60 -18.10
N LYS A 334 -16.31 3.56 -18.63
CA LYS A 334 -14.86 3.38 -18.55
C LYS A 334 -14.14 4.54 -19.21
N GLU A 335 -14.58 4.90 -20.41
CA GLU A 335 -14.04 6.01 -21.17
C GLU A 335 -13.99 7.29 -20.34
N SER A 336 -15.00 7.47 -19.49
CA SER A 336 -15.22 8.76 -18.87
C SER A 336 -14.08 9.06 -17.91
N ARG A 337 -13.21 8.08 -17.70
CA ARG A 337 -12.20 8.16 -16.66
C ARG A 337 -10.83 8.49 -17.27
N ASN A 338 -10.78 8.60 -18.58
CA ASN A 338 -9.52 8.58 -19.31
C ASN A 338 -8.57 9.69 -18.84
N ALA A 339 -9.01 10.93 -18.89
CA ALA A 339 -8.11 12.05 -18.65
C ALA A 339 -7.68 12.09 -17.18
N PHE A 340 -8.62 11.80 -16.29
CA PHE A 340 -8.32 11.71 -14.86
C PHE A 340 -7.10 10.85 -14.59
N ARG A 341 -7.11 9.60 -15.06
CA ARG A 341 -6.02 8.70 -14.72
C ARG A 341 -4.75 9.06 -15.48
N LYS A 342 -4.90 9.62 -16.67
CA LYS A 342 -3.76 10.17 -17.39
C LYS A 342 -3.11 11.26 -16.56
N ALA A 343 -3.93 12.09 -15.94
CA ALA A 343 -3.40 13.16 -15.09
C ALA A 343 -2.71 12.62 -13.82
N LEU A 344 -3.27 11.58 -13.21
CA LEU A 344 -2.70 11.04 -11.97
C LEU A 344 -1.56 10.05 -12.25
N TYR A 345 -1.62 9.34 -13.37
CA TYR A 345 -0.84 8.13 -13.58
C TYR A 345 -0.01 8.18 -14.86
N GLY A 346 -0.44 9.02 -15.80
CA GLY A 346 0.30 9.23 -17.02
C GLY A 346 -0.04 8.21 -18.09
N THR A 347 -0.88 7.24 -17.75
CA THR A 347 -1.16 6.14 -18.66
C THR A 347 -2.20 6.56 -19.69
N THR A 348 -2.03 6.06 -20.91
CA THR A 348 -2.87 6.47 -22.01
C THR A 348 -3.93 5.41 -22.26
N SER A 349 -3.81 4.30 -21.55
CA SER A 349 -4.69 3.16 -21.77
C SER A 349 -4.84 2.40 -20.46
N GLU A 350 -5.92 1.63 -20.34
CA GLU A 350 -6.05 0.71 -19.22
C GLU A 350 -5.25 -0.57 -19.46
N THR A 351 -4.73 -1.13 -18.37
CA THR A 351 -4.18 -2.48 -18.34
C THR A 351 -5.13 -3.53 -18.92
N ALA A 352 -4.56 -4.58 -19.51
CA ALA A 352 -5.36 -5.63 -20.09
C ALA A 352 -6.43 -6.10 -19.12
N THR A 353 -7.60 -6.42 -19.64
CA THR A 353 -8.72 -6.78 -18.82
C THR A 353 -8.42 -8.01 -17.98
N TRP A 354 -7.80 -9.02 -18.59
CA TRP A 354 -7.50 -10.24 -17.86
C TRP A 354 -6.57 -9.97 -16.68
N ARG A 355 -5.68 -8.99 -16.83
CA ARG A 355 -4.73 -8.64 -15.79
C ARG A 355 -5.44 -7.93 -14.62
N ARG A 356 -6.26 -6.92 -14.94
CA ARG A 356 -7.10 -6.28 -13.93
C ARG A 356 -7.86 -7.33 -13.14
N CYS A 357 -8.37 -8.33 -13.85
CA CYS A 357 -9.33 -9.27 -13.30
C CYS A 357 -8.59 -10.29 -12.44
N ALA A 358 -7.53 -10.87 -12.97
CA ALA A 358 -6.65 -11.69 -12.16
C ALA A 358 -6.39 -10.97 -10.85
N ASN A 359 -5.94 -9.72 -10.95
CA ASN A 359 -5.55 -8.94 -9.78
C ASN A 359 -6.70 -8.74 -8.81
N TYR A 360 -7.88 -8.49 -9.34
CA TYR A 360 -9.05 -8.30 -8.51
C TYR A 360 -9.40 -9.57 -7.73
N VAL A 361 -9.42 -10.71 -8.41
CA VAL A 361 -9.75 -11.95 -7.73
C VAL A 361 -8.68 -12.26 -6.68
N ASN A 362 -7.42 -12.08 -7.06
CA ASN A 362 -6.32 -12.19 -6.11
C ASN A 362 -6.57 -11.37 -4.84
N GLY A 363 -7.05 -10.14 -5.00
CA GLY A 363 -7.20 -9.23 -3.87
C GLY A 363 -8.41 -9.56 -3.00
N ASN A 364 -9.37 -10.28 -3.57
CA ASN A 364 -10.60 -10.60 -2.84
C ASN A 364 -10.67 -12.06 -2.40
N MET A 365 -9.81 -12.89 -2.96
CA MET A 365 -9.73 -14.30 -2.59
C MET A 365 -8.27 -14.73 -2.50
N GLU A 366 -7.51 -14.07 -1.62
CA GLU A 366 -6.06 -14.11 -1.66
C GLU A 366 -5.57 -15.49 -1.25
N ASN A 367 -6.33 -16.15 -0.40
CA ASN A 367 -5.97 -17.49 0.04
C ASN A 367 -6.30 -18.51 -1.02
N ALA A 368 -7.47 -18.39 -1.64
CA ALA A 368 -7.82 -19.28 -2.74
C ALA A 368 -6.78 -19.16 -3.84
N VAL A 369 -6.38 -17.94 -4.15
CA VAL A 369 -5.49 -17.69 -5.29
C VAL A 369 -4.04 -17.98 -4.95
N GLY A 370 -3.66 -17.80 -3.69
CA GLY A 370 -2.31 -18.13 -3.25
C GLY A 370 -2.05 -19.62 -3.31
N ARG A 371 -3.08 -20.40 -3.06
CA ARG A 371 -2.97 -21.85 -3.12
C ARG A 371 -2.69 -22.27 -4.56
N LEU A 372 -3.47 -21.76 -5.50
CA LEU A 372 -3.25 -22.03 -6.93
C LEU A 372 -1.87 -21.53 -7.38
N TYR A 373 -1.48 -20.34 -6.92
CA TYR A 373 -0.21 -19.78 -7.33
C TYR A 373 0.95 -20.66 -6.91
N VAL A 374 0.93 -21.11 -5.66
CA VAL A 374 2.10 -21.76 -5.10
C VAL A 374 2.22 -23.16 -5.68
N GLU A 375 1.08 -23.82 -5.90
CA GLU A 375 1.08 -25.12 -6.55
C GLU A 375 1.60 -25.01 -7.98
N ALA A 376 1.33 -23.90 -8.65
CA ALA A 376 1.84 -23.71 -10.01
C ALA A 376 3.33 -23.35 -10.02
N ALA A 377 3.78 -22.59 -9.04
CA ALA A 377 4.83 -21.59 -9.28
C ALA A 377 5.91 -21.59 -8.22
N PHE A 378 5.63 -22.16 -7.06
CA PHE A 378 6.53 -22.02 -5.91
C PHE A 378 7.03 -23.36 -5.41
N ALA A 379 8.25 -23.37 -4.89
CA ALA A 379 9.10 -24.55 -4.98
C ALA A 379 8.86 -25.47 -3.79
N GLY A 380 8.85 -24.90 -2.59
CA GLY A 380 8.54 -25.66 -1.40
C GLY A 380 9.71 -25.76 -0.43
N GLU A 381 10.89 -26.11 -0.95
CA GLU A 381 12.09 -26.10 -0.14
C GLU A 381 12.66 -24.68 -0.04
N SER A 382 12.18 -23.80 -0.90
CA SER A 382 12.39 -22.37 -0.72
C SER A 382 12.07 -21.97 0.72
N LYS A 383 10.94 -22.44 1.23
CA LYS A 383 10.50 -22.01 2.55
C LYS A 383 11.61 -22.27 3.57
N HIS A 384 12.21 -23.44 3.48
CA HIS A 384 13.20 -23.86 4.47
C HIS A 384 14.48 -23.02 4.40
N VAL A 385 14.90 -22.65 3.19
CA VAL A 385 16.13 -21.88 3.05
C VAL A 385 15.96 -20.45 3.56
N VAL A 386 14.81 -19.85 3.27
CA VAL A 386 14.54 -18.50 3.72
C VAL A 386 14.44 -18.43 5.25
N GLU A 387 13.80 -19.44 5.86
CA GLU A 387 13.69 -19.47 7.33
C GLU A 387 15.07 -19.32 7.95
N ASP A 388 16.02 -20.07 7.44
CA ASP A 388 17.35 -20.10 8.02
C ASP A 388 18.02 -18.77 7.75
N LEU A 389 17.86 -18.28 6.53
CA LEU A 389 18.24 -16.91 6.20
C LEU A 389 17.70 -15.90 7.22
N ILE A 390 16.40 -16.00 7.52
CA ILE A 390 15.75 -15.07 8.43
C ILE A 390 16.35 -15.20 9.81
N ALA A 391 16.64 -16.43 10.23
CA ALA A 391 17.29 -16.66 11.50
C ALA A 391 18.66 -15.98 11.52
N GLN A 392 19.38 -16.04 10.41
CA GLN A 392 20.70 -15.42 10.35
C GLN A 392 20.62 -13.92 10.53
N ILE A 393 19.72 -13.28 9.78
CA ILE A 393 19.67 -11.82 9.75
C ILE A 393 19.11 -11.29 11.07
N ARG A 394 18.23 -12.07 11.69
CA ARG A 394 17.71 -11.72 13.00
C ARG A 394 18.85 -11.70 14.01
N GLU A 395 19.71 -12.71 13.94
CA GLU A 395 20.85 -12.78 14.84
C GLU A 395 21.75 -11.56 14.65
N VAL A 396 22.04 -11.23 13.41
CA VAL A 396 22.92 -10.10 13.09
C VAL A 396 22.38 -8.79 13.65
N PHE A 397 21.06 -8.63 13.64
CA PHE A 397 20.44 -7.44 14.22
C PHE A 397 20.74 -7.38 15.71
N ILE A 398 20.41 -8.46 16.42
CA ILE A 398 20.71 -8.58 17.84
C ILE A 398 22.19 -8.26 18.12
N GLN A 399 23.07 -8.94 17.41
CA GLN A 399 24.50 -8.81 17.67
C GLN A 399 24.99 -7.41 17.35
N THR A 400 24.29 -6.75 16.44
CA THR A 400 24.65 -5.39 16.02
C THR A 400 24.35 -4.37 17.11
N LEU A 401 23.33 -4.64 17.91
CA LEU A 401 22.93 -3.72 18.94
C LEU A 401 24.14 -3.34 19.77
N ASP A 402 25.10 -4.25 19.87
CA ASP A 402 26.21 -4.09 20.78
C ASP A 402 27.15 -3.00 20.29
N ASP A 403 27.20 -2.82 18.97
CA ASP A 403 28.08 -1.84 18.36
C ASP A 403 27.40 -0.47 18.24
N LEU A 404 26.11 -0.39 18.54
CA LEU A 404 25.42 0.89 18.41
C LEU A 404 25.68 1.77 19.63
N THR A 405 26.38 2.88 19.42
CA THR A 405 26.86 3.68 20.54
C THR A 405 25.83 4.72 21.00
N TRP A 406 24.69 4.79 20.31
CA TRP A 406 23.70 5.83 20.58
C TRP A 406 22.51 5.33 21.37
N MET A 407 22.58 4.09 21.86
CA MET A 407 21.58 3.56 22.78
C MET A 407 22.22 3.25 24.13
N ASP A 408 21.38 3.06 25.15
CA ASP A 408 21.85 2.57 26.43
C ASP A 408 21.49 1.11 26.63
N ALA A 409 22.13 0.47 27.62
CA ALA A 409 22.04 -0.97 27.80
C ALA A 409 20.60 -1.42 28.02
N GLU A 410 19.86 -0.69 28.84
CA GLU A 410 18.48 -1.07 29.14
C GLU A 410 17.69 -1.09 27.85
N THR A 411 17.88 -0.08 27.00
CA THR A 411 17.11 0.03 25.78
C THR A 411 17.52 -1.04 24.76
N LYS A 412 18.82 -1.26 24.63
CA LYS A 412 19.33 -2.30 23.75
C LYS A 412 18.69 -3.63 24.07
N LYS A 413 18.64 -3.96 25.35
CA LYS A 413 18.22 -5.29 25.79
C LYS A 413 16.73 -5.45 25.52
N ARG A 414 15.99 -4.35 25.63
CA ARG A 414 14.57 -4.40 25.35
C ARG A 414 14.38 -4.54 23.84
N ALA A 415 15.31 -3.97 23.07
CA ALA A 415 15.32 -4.12 21.64
C ALA A 415 15.62 -5.57 21.25
N GLU A 416 16.63 -6.15 21.89
CA GLU A 416 16.84 -7.59 21.77
C GLU A 416 15.53 -8.35 21.98
N GLU A 417 14.85 -8.06 23.08
CA GLU A 417 13.65 -8.79 23.42
C GLU A 417 12.68 -8.79 22.23
N LYS A 418 12.62 -7.66 21.53
CA LYS A 418 11.64 -7.48 20.47
C LYS A 418 12.02 -8.28 19.23
N ALA A 419 13.27 -8.15 18.80
CA ALA A 419 13.81 -8.98 17.74
C ALA A 419 13.37 -10.43 17.90
N LEU A 420 13.84 -11.06 18.98
CA LEU A 420 13.59 -12.47 19.22
C LEU A 420 12.11 -12.76 19.11
N ALA A 421 11.28 -11.76 19.39
CA ALA A 421 9.83 -11.96 19.43
C ALA A 421 9.17 -11.73 18.07
N ILE A 422 9.92 -11.30 17.07
CA ILE A 422 9.35 -11.12 15.73
C ILE A 422 8.85 -12.46 15.18
N LYS A 423 7.64 -12.47 14.63
CA LYS A 423 7.07 -13.67 14.06
C LYS A 423 7.18 -13.67 12.54
N GLU A 424 7.87 -14.68 12.00
CA GLU A 424 8.13 -14.72 10.56
C GLU A 424 7.14 -15.64 9.83
N ARG A 425 6.66 -15.16 8.69
CA ARG A 425 5.74 -15.92 7.85
C ARG A 425 6.34 -16.06 6.47
N ILE A 426 6.47 -17.29 6.00
CA ILE A 426 7.28 -17.57 4.81
C ILE A 426 6.46 -18.29 3.76
N GLY A 427 6.35 -17.67 2.58
CA GLY A 427 5.84 -18.35 1.40
C GLY A 427 4.34 -18.34 1.40
N TYR A 428 3.73 -19.23 2.19
CA TYR A 428 2.28 -19.30 2.32
C TYR A 428 1.92 -20.08 3.56
N PRO A 429 0.67 -19.98 3.98
CA PRO A 429 0.18 -20.81 5.09
C PRO A 429 -0.20 -22.20 4.58
N ASP A 430 0.35 -23.23 5.20
CA ASP A 430 0.17 -24.60 4.75
C ASP A 430 -1.30 -24.92 4.59
N ASP A 431 -2.11 -24.28 5.43
CA ASP A 431 -3.53 -24.58 5.51
C ASP A 431 -4.22 -24.39 4.16
N ILE A 432 -3.80 -23.40 3.37
CA ILE A 432 -4.59 -23.05 2.19
C ILE A 432 -4.45 -24.17 1.16
N VAL A 433 -3.49 -25.05 1.40
CA VAL A 433 -3.31 -26.22 0.57
C VAL A 433 -3.92 -27.45 1.20
N SER A 434 -3.73 -27.61 2.50
CA SER A 434 -3.95 -28.90 3.15
C SER A 434 -5.29 -28.95 3.88
N ASN A 435 -6.05 -27.86 3.85
CA ASN A 435 -7.33 -27.82 4.53
C ASN A 435 -8.44 -27.24 3.66
N ASP A 436 -9.02 -28.07 2.80
CA ASP A 436 -10.05 -27.62 1.89
C ASP A 436 -11.23 -27.01 2.65
N ASN A 437 -11.73 -27.73 3.66
CA ASN A 437 -12.87 -27.27 4.45
C ASN A 437 -12.70 -25.82 4.90
N LYS A 438 -11.55 -25.54 5.52
CA LYS A 438 -11.25 -24.19 5.94
C LYS A 438 -11.28 -23.21 4.77
N LEU A 439 -10.78 -23.65 3.61
CA LEU A 439 -10.63 -22.75 2.47
C LEU A 439 -11.99 -22.44 1.92
N ASN A 440 -12.79 -23.48 1.69
CA ASN A 440 -14.17 -23.30 1.24
C ASN A 440 -14.94 -22.38 2.19
N ASN A 441 -14.70 -22.52 3.49
CA ASN A 441 -15.59 -21.88 4.46
C ASN A 441 -15.35 -20.40 4.56
N GLU A 442 -14.14 -19.97 4.20
CA GLU A 442 -13.84 -18.55 4.20
C GLU A 442 -14.64 -17.82 3.11
N TYR A 443 -15.14 -18.56 2.13
CA TYR A 443 -15.89 -17.97 1.02
C TYR A 443 -17.31 -18.52 0.96
N LEU A 444 -17.64 -19.35 1.94
CA LEU A 444 -18.93 -20.02 2.01
C LEU A 444 -20.04 -19.07 1.63
N GLU A 445 -19.97 -17.86 2.16
CA GLU A 445 -21.14 -16.99 2.22
C GLU A 445 -21.22 -16.16 0.95
N LEU A 446 -20.26 -16.35 0.07
CA LEU A 446 -20.28 -15.68 -1.23
C LEU A 446 -20.73 -16.63 -2.32
N ASN A 447 -21.46 -16.09 -3.30
CA ASN A 447 -21.87 -16.85 -4.46
C ASN A 447 -21.95 -15.96 -5.69
N TYR A 448 -21.14 -16.25 -6.70
CA TYR A 448 -20.94 -15.33 -7.81
C TYR A 448 -21.73 -15.79 -9.04
N LYS A 449 -22.28 -14.84 -9.78
CA LYS A 449 -22.92 -15.15 -11.06
C LYS A 449 -22.06 -14.67 -12.24
N GLU A 450 -21.93 -15.53 -13.25
CA GLU A 450 -20.91 -15.34 -14.27
C GLU A 450 -21.29 -14.24 -15.25
N ASP A 451 -22.55 -13.81 -15.23
CA ASP A 451 -22.98 -12.71 -16.10
C ASP A 451 -23.28 -11.43 -15.31
N GLU A 452 -22.71 -11.35 -14.12
CA GLU A 452 -23.13 -10.36 -13.14
C GLU A 452 -21.94 -9.75 -12.38
N TYR A 453 -20.94 -9.28 -13.10
CA TYR A 453 -19.70 -8.84 -12.46
C TYR A 453 -19.98 -7.76 -11.42
N PHE A 454 -20.82 -6.79 -11.78
CA PHE A 454 -21.01 -5.63 -10.91
C PHE A 454 -21.63 -6.07 -9.59
N GLU A 455 -22.63 -6.95 -9.67
CA GLU A 455 -23.26 -7.50 -8.48
C GLU A 455 -22.26 -8.32 -7.67
N ASN A 456 -21.34 -8.98 -8.36
CA ASN A 456 -20.28 -9.72 -7.67
C ASN A 456 -19.40 -8.76 -6.88
N ILE A 457 -19.02 -7.65 -7.48
CA ILE A 457 -18.14 -6.69 -6.83
C ILE A 457 -18.85 -6.06 -5.64
N ILE A 458 -20.12 -5.75 -5.82
CA ILE A 458 -20.90 -5.17 -4.75
C ILE A 458 -20.99 -6.16 -3.60
N GLN A 459 -21.25 -7.42 -3.94
CA GLN A 459 -21.35 -8.44 -2.91
C GLN A 459 -20.07 -8.49 -2.09
N ASN A 460 -18.92 -8.40 -2.75
CA ASN A 460 -17.64 -8.40 -2.05
C ASN A 460 -17.46 -7.17 -1.14
N LEU A 461 -17.89 -6.00 -1.60
CA LEU A 461 -17.79 -4.81 -0.77
C LEU A 461 -18.58 -5.03 0.52
N LYS A 462 -19.83 -5.47 0.40
CA LYS A 462 -20.67 -5.64 1.57
C LYS A 462 -20.12 -6.74 2.46
N PHE A 463 -19.73 -7.86 1.86
CA PHE A 463 -19.17 -8.95 2.63
C PHE A 463 -17.97 -8.48 3.44
N SER A 464 -17.02 -7.84 2.76
CA SER A 464 -15.77 -7.45 3.41
C SER A 464 -16.06 -6.51 4.58
N GLN A 465 -17.00 -5.60 4.38
CA GLN A 465 -17.29 -4.59 5.37
C GLN A 465 -18.01 -5.22 6.57
N SER A 466 -19.01 -6.05 6.29
CA SER A 466 -19.72 -6.77 7.34
C SER A 466 -18.75 -7.59 8.19
N LYS A 467 -17.79 -8.21 7.52
CA LYS A 467 -16.81 -9.05 8.19
C LYS A 467 -15.95 -8.20 9.11
N GLN A 468 -15.49 -7.05 8.59
CA GLN A 468 -14.61 -6.18 9.36
C GLN A 468 -15.32 -5.71 10.61
N LEU A 469 -16.58 -5.31 10.44
CA LEU A 469 -17.32 -4.70 11.53
C LEU A 469 -17.57 -5.74 12.60
N LYS A 470 -17.61 -7.01 12.19
CA LYS A 470 -18.02 -8.08 13.09
C LYS A 470 -16.96 -8.30 14.15
N LYS A 471 -15.80 -7.68 13.98
CA LYS A 471 -14.62 -7.97 14.80
C LYS A 471 -14.65 -7.26 16.15
N LEU A 472 -15.47 -6.23 16.27
CA LEU A 472 -15.39 -5.31 17.40
C LEU A 472 -15.10 -6.05 18.72
N ARG A 473 -15.90 -7.05 19.04
CA ARG A 473 -15.83 -7.69 20.36
C ARG A 473 -15.01 -8.97 20.32
N GLU A 474 -14.51 -9.34 19.15
CA GLU A 474 -13.77 -10.60 18.99
C GLU A 474 -12.29 -10.35 19.19
N LYS A 475 -11.52 -11.40 19.48
CA LYS A 475 -10.09 -11.25 19.60
C LYS A 475 -9.45 -11.18 18.20
N VAL A 476 -8.33 -10.49 18.10
CA VAL A 476 -7.51 -10.53 16.89
C VAL A 476 -6.96 -11.93 16.69
N ASP A 477 -7.11 -12.46 15.46
CA ASP A 477 -6.56 -13.77 15.11
C ASP A 477 -5.04 -13.74 14.96
N LYS A 478 -4.35 -14.48 15.83
CA LYS A 478 -2.89 -14.44 15.88
C LYS A 478 -2.30 -15.30 14.77
N ASP A 479 -3.17 -16.01 14.05
CA ASP A 479 -2.73 -16.88 12.96
C ASP A 479 -2.86 -16.22 11.60
N GLU A 480 -3.54 -15.08 11.52
CA GLU A 480 -3.80 -14.45 10.24
C GLU A 480 -2.49 -14.00 9.62
N TRP A 481 -2.32 -14.27 8.33
CA TRP A 481 -1.21 -13.67 7.57
C TRP A 481 -1.64 -12.31 7.04
N ILE A 482 -0.68 -11.39 6.92
CA ILE A 482 -0.97 -10.03 6.54
C ILE A 482 -0.78 -9.80 5.05
N SER A 483 -0.40 -10.85 4.32
CA SER A 483 -0.42 -10.80 2.87
C SER A 483 -0.83 -12.14 2.29
N GLY A 484 -1.62 -12.12 1.22
CA GLY A 484 -1.71 -13.26 0.33
C GLY A 484 -0.34 -13.71 -0.10
N ALA A 485 -0.23 -14.93 -0.62
CA ALA A 485 1.04 -15.49 -1.05
C ALA A 485 1.37 -15.11 -2.49
N ALA A 486 0.37 -14.61 -3.21
CA ALA A 486 0.51 -14.37 -4.63
C ALA A 486 0.88 -12.92 -4.86
N VAL A 487 1.82 -12.43 -4.06
CA VAL A 487 2.16 -11.02 -3.97
C VAL A 487 3.67 -10.86 -4.11
N VAL A 488 4.10 -9.95 -4.98
CA VAL A 488 5.51 -9.60 -5.07
C VAL A 488 5.87 -8.46 -4.11
N ASN A 489 6.11 -8.82 -2.85
CA ASN A 489 6.28 -7.84 -1.80
C ASN A 489 6.61 -8.55 -0.50
N ALA A 490 7.07 -7.77 0.47
CA ALA A 490 7.16 -8.23 1.85
C ALA A 490 6.72 -7.12 2.78
N PHE A 491 6.56 -7.42 4.06
CA PHE A 491 5.68 -6.65 4.94
C PHE A 491 6.14 -6.75 6.40
N TYR A 492 5.89 -5.69 7.16
CA TYR A 492 5.96 -5.74 8.62
C TYR A 492 4.68 -5.16 9.25
N SER A 493 4.16 -5.87 10.24
CA SER A 493 3.04 -5.39 11.05
C SER A 493 3.52 -5.11 12.45
N SER A 494 3.34 -3.87 12.90
CA SER A 494 3.68 -3.50 14.26
C SER A 494 2.64 -4.07 15.23
N GLY A 495 1.37 -3.92 14.87
CA GLY A 495 0.31 -4.47 15.69
C GLY A 495 0.54 -5.93 16.03
N ARG A 496 1.21 -6.64 15.12
CA ARG A 496 1.30 -8.09 15.21
C ARG A 496 2.72 -8.52 15.52
N ASN A 497 3.63 -7.57 15.36
CA ASN A 497 5.07 -7.84 15.38
C ASN A 497 5.49 -9.00 14.50
N GLN A 498 5.16 -8.92 13.22
CA GLN A 498 5.28 -10.06 12.31
C GLN A 498 5.88 -9.60 10.98
N ILE A 499 6.86 -10.35 10.49
CA ILE A 499 7.38 -10.16 9.14
C ILE A 499 6.83 -11.26 8.22
N VAL A 500 6.58 -10.88 6.97
CA VAL A 500 5.99 -11.80 6.01
C VAL A 500 6.69 -11.70 4.66
N PHE A 501 7.00 -12.85 4.08
CA PHE A 501 7.61 -12.89 2.76
C PHE A 501 6.87 -13.89 1.88
N PRO A 502 5.87 -13.40 1.16
CA PRO A 502 5.03 -14.24 0.31
C PRO A 502 5.86 -14.93 -0.76
N ALA A 503 5.39 -16.09 -1.22
CA ALA A 503 6.06 -16.85 -2.27
C ALA A 503 6.49 -15.92 -3.42
N GLY A 504 5.67 -14.91 -3.69
CA GLY A 504 5.81 -14.12 -4.91
C GLY A 504 7.13 -13.36 -5.00
N ILE A 505 7.65 -12.91 -3.86
CA ILE A 505 8.97 -12.30 -3.83
C ILE A 505 10.10 -13.34 -3.66
N LEU A 506 9.75 -14.58 -3.35
CA LEU A 506 10.80 -15.57 -3.16
C LEU A 506 11.24 -16.16 -4.50
N GLN A 507 11.87 -15.33 -5.33
CA GLN A 507 12.29 -15.70 -6.66
C GLN A 507 13.32 -14.68 -7.11
N PRO A 508 14.08 -14.99 -8.16
CA PRO A 508 15.13 -14.08 -8.63
C PRO A 508 14.52 -12.75 -9.04
N PRO A 509 15.20 -11.63 -8.80
CA PRO A 509 16.60 -11.63 -8.39
C PRO A 509 16.84 -11.66 -6.88
N PHE A 510 15.79 -11.67 -6.07
CA PHE A 510 15.98 -11.69 -4.62
C PHE A 510 16.54 -13.04 -4.17
N PHE A 511 15.95 -14.13 -4.65
CA PHE A 511 16.26 -15.44 -4.12
C PHE A 511 16.27 -16.53 -5.18
N SER A 512 17.30 -17.35 -5.16
CA SER A 512 17.18 -18.73 -5.59
C SER A 512 18.18 -19.61 -4.86
N ALA A 513 17.73 -20.81 -4.50
CA ALA A 513 18.60 -21.81 -3.88
C ALA A 513 19.82 -22.10 -4.74
N GLN A 514 19.72 -21.78 -6.03
CA GLN A 514 20.76 -22.18 -6.98
C GLN A 514 21.64 -21.02 -7.44
N GLN A 515 21.23 -19.78 -7.16
CA GLN A 515 22.05 -18.62 -7.51
C GLN A 515 23.06 -18.31 -6.42
N SER A 516 24.01 -17.43 -6.72
CA SER A 516 25.11 -17.19 -5.80
C SER A 516 24.59 -16.54 -4.52
N ASN A 517 25.19 -16.91 -3.40
CA ASN A 517 24.83 -16.37 -2.10
C ASN A 517 25.04 -14.86 -2.03
N SER A 518 26.08 -14.37 -2.70
CA SER A 518 26.25 -12.93 -2.86
C SER A 518 24.91 -12.30 -3.22
N LEU A 519 24.24 -12.94 -4.16
CA LEU A 519 23.06 -12.37 -4.77
C LEU A 519 21.88 -12.46 -3.81
N ASN A 520 21.78 -13.57 -3.10
CA ASN A 520 20.63 -13.84 -2.24
C ASN A 520 20.62 -12.89 -1.05
N TYR A 521 21.78 -12.73 -0.42
CA TYR A 521 21.92 -11.80 0.69
C TYR A 521 21.64 -10.36 0.24
N GLY A 522 22.20 -10.00 -0.91
CA GLY A 522 22.01 -8.66 -1.45
C GLY A 522 20.59 -8.45 -1.98
N GLY A 523 19.89 -9.56 -2.15
CA GLY A 523 18.51 -9.53 -2.59
C GLY A 523 17.52 -9.73 -1.45
N ILE A 524 17.08 -10.97 -1.27
CA ILE A 524 16.08 -11.28 -0.25
C ILE A 524 16.65 -11.03 1.13
N GLY A 525 17.97 -11.17 1.24
CA GLY A 525 18.66 -10.88 2.49
C GLY A 525 18.38 -9.48 2.97
N MET A 526 18.49 -8.51 2.08
CA MET A 526 18.34 -7.12 2.49
C MET A 526 16.85 -6.77 2.61
N VAL A 527 16.02 -7.53 1.91
CA VAL A 527 14.57 -7.43 2.09
C VAL A 527 14.17 -7.87 3.50
N ILE A 528 14.83 -8.91 4.01
CA ILE A 528 14.52 -9.43 5.33
C ILE A 528 14.89 -8.41 6.40
N GLY A 529 16.05 -7.79 6.25
CA GLY A 529 16.49 -6.76 7.19
C GLY A 529 15.60 -5.54 7.14
N HIS A 530 15.23 -5.13 5.95
CA HIS A 530 14.24 -4.07 5.76
C HIS A 530 13.06 -4.33 6.67
N GLU A 531 12.43 -5.49 6.53
CA GLU A 531 11.16 -5.75 7.21
C GLU A 531 11.35 -5.84 8.72
N ILE A 532 12.47 -6.40 9.15
CA ILE A 532 12.76 -6.49 10.58
C ILE A 532 13.04 -5.11 11.14
N THR A 533 13.77 -4.30 10.39
CA THR A 533 14.12 -2.97 10.82
C THR A 533 12.91 -2.05 10.95
N HIS A 534 11.81 -2.43 10.31
CA HIS A 534 10.57 -1.67 10.46
C HIS A 534 10.05 -1.76 11.87
N GLY A 535 10.43 -2.83 12.55
CA GLY A 535 10.04 -3.03 13.93
C GLY A 535 10.67 -1.98 14.79
N PHE A 536 11.70 -1.31 14.26
CA PHE A 536 12.46 -0.34 15.04
C PHE A 536 12.65 1.01 14.33
N ASP A 537 11.71 1.36 13.43
CA ASP A 537 11.78 2.68 12.80
C ASP A 537 10.86 3.64 13.52
N ASP A 538 10.62 4.80 12.93
CA ASP A 538 10.13 5.93 13.70
C ASP A 538 8.70 5.63 14.12
N ASN A 539 8.08 4.65 13.46
CA ASN A 539 6.78 4.14 13.86
C ASN A 539 6.90 2.91 14.75
N GLY A 540 7.64 1.91 14.28
CA GLY A 540 7.57 0.57 14.84
C GLY A 540 8.50 0.36 16.03
N ARG A 541 9.22 1.41 16.42
CA ARG A 541 9.91 1.40 17.70
C ARG A 541 8.97 1.71 18.85
N ASN A 542 7.81 2.27 18.52
CA ASN A 542 6.83 2.64 19.51
C ASN A 542 6.00 1.45 19.99
N PHE A 543 6.17 0.31 19.35
CA PHE A 543 5.44 -0.90 19.71
C PHE A 543 6.37 -1.96 20.26
N ASN A 544 5.88 -2.73 21.23
CA ASN A 544 6.72 -3.65 22.01
C ASN A 544 6.59 -5.06 21.48
N LYS A 545 7.17 -6.03 22.18
CA LYS A 545 7.36 -7.35 21.59
C LYS A 545 6.01 -7.95 21.24
N ASP A 546 4.96 -7.36 21.77
CA ASP A 546 3.63 -7.96 21.71
C ASP A 546 2.71 -7.19 20.77
N GLY A 547 3.25 -6.15 20.13
CA GLY A 547 2.47 -5.31 19.25
C GLY A 547 1.71 -4.20 19.96
N ASP A 548 2.03 -3.93 21.22
CA ASP A 548 1.36 -2.87 21.97
C ASP A 548 2.13 -1.56 21.89
N LEU A 549 1.41 -0.48 21.61
CA LEU A 549 1.93 0.88 21.70
C LEU A 549 2.29 1.22 23.15
N VAL A 550 3.53 0.96 23.52
CA VAL A 550 4.00 1.35 24.84
C VAL A 550 5.46 1.74 24.79
N ASP A 551 5.81 2.79 25.52
CA ASP A 551 7.15 3.33 25.43
C ASP A 551 8.13 2.44 26.19
N TRP A 552 9.10 1.90 25.46
CA TRP A 552 10.12 1.07 26.10
C TRP A 552 11.50 1.66 25.90
N TRP A 553 11.55 2.91 25.43
CA TRP A 553 12.78 3.64 25.30
C TRP A 553 13.00 4.55 26.51
N THR A 554 14.25 4.67 26.95
CA THR A 554 14.62 5.80 27.80
C THR A 554 14.59 7.08 27.00
N GLN A 555 14.43 8.19 27.71
CA GLN A 555 14.33 9.51 27.09
C GLN A 555 15.55 9.77 26.23
N GLN A 556 16.71 9.41 26.74
CA GLN A 556 17.96 9.71 26.06
C GLN A 556 18.08 8.94 24.74
N SER A 557 17.81 7.63 24.79
CA SER A 557 17.91 6.79 23.60
C SER A 557 16.87 7.18 22.56
N ALA A 558 15.67 7.54 23.03
CA ALA A 558 14.63 8.01 22.13
C ALA A 558 15.06 9.30 21.46
N SER A 559 15.65 10.19 22.24
CA SER A 559 16.11 11.48 21.74
C SER A 559 17.27 11.29 20.77
N ASN A 560 18.13 10.32 21.06
CA ASN A 560 19.19 9.92 20.14
C ASN A 560 18.64 9.36 18.82
N PHE A 561 17.63 8.50 18.92
CA PHE A 561 16.99 7.94 17.74
C PHE A 561 16.52 9.03 16.79
N LYS A 562 15.85 10.03 17.34
CA LYS A 562 15.41 11.16 16.55
C LYS A 562 16.63 11.85 15.93
N GLU A 563 17.67 12.02 16.73
CA GLU A 563 18.89 12.66 16.24
C GLU A 563 19.54 11.87 15.10
N GLN A 564 19.67 10.56 15.26
CA GLN A 564 20.37 9.76 14.26
C GLN A 564 19.53 9.75 12.98
N SER A 565 18.23 9.63 13.14
CA SER A 565 17.34 9.48 12.00
C SER A 565 17.20 10.82 11.28
N GLN A 566 17.32 11.92 12.01
CA GLN A 566 17.24 13.25 11.40
C GLN A 566 18.24 13.42 10.27
N CYS A 567 19.39 12.76 10.38
CA CYS A 567 20.39 12.75 9.32
C CYS A 567 19.82 12.23 7.99
N MET A 568 18.99 11.19 8.05
CA MET A 568 18.39 10.63 6.86
C MET A 568 17.27 11.54 6.34
N VAL A 569 16.55 12.18 7.24
CA VAL A 569 15.53 13.15 6.85
C VAL A 569 16.16 14.20 5.93
N TYR A 570 17.32 14.70 6.34
CA TYR A 570 18.01 15.75 5.60
C TYR A 570 18.62 15.22 4.29
N GLN A 571 19.30 14.08 4.38
CA GLN A 571 19.94 13.48 3.22
C GLN A 571 18.91 13.31 2.10
N TYR A 572 17.85 12.58 2.37
CA TYR A 572 16.90 12.26 1.32
C TYR A 572 16.09 13.49 0.96
N GLY A 573 15.74 14.27 1.99
CA GLY A 573 14.98 15.48 1.80
C GLY A 573 15.70 16.44 0.87
N ASN A 574 16.98 16.16 0.62
CA ASN A 574 17.81 17.04 -0.18
C ASN A 574 17.97 16.55 -1.61
N PHE A 575 17.61 15.29 -1.86
CA PHE A 575 17.42 14.82 -3.23
C PHE A 575 16.28 15.57 -3.91
N SER A 576 16.54 16.10 -5.09
CA SER A 576 15.46 16.52 -5.97
C SER A 576 15.35 15.66 -7.23
N TRP A 577 14.12 15.49 -7.70
CA TRP A 577 13.76 14.45 -8.64
C TRP A 577 13.33 15.07 -9.95
N ASP A 578 14.13 14.92 -11.01
CA ASP A 578 13.82 15.55 -12.27
C ASP A 578 12.40 15.21 -12.73
N LEU A 579 12.05 13.93 -12.62
CA LEU A 579 10.80 13.43 -13.19
C LEU A 579 9.59 14.04 -12.48
N ALA A 580 9.80 14.61 -11.30
CA ALA A 580 8.79 15.39 -10.64
C ALA A 580 9.12 16.89 -10.68
N GLY A 581 9.79 17.32 -11.74
CA GLY A 581 10.04 18.73 -11.97
C GLY A 581 10.94 19.35 -10.92
N GLY A 582 11.91 18.56 -10.45
CA GLY A 582 12.96 19.10 -9.60
C GLY A 582 12.55 19.15 -8.14
N GLN A 583 11.27 18.92 -7.87
CA GLN A 583 10.77 18.88 -6.50
C GLN A 583 11.62 17.90 -5.67
N HIS A 584 11.74 18.18 -4.37
CA HIS A 584 12.53 17.33 -3.49
C HIS A 584 11.68 16.24 -2.85
N LEU A 585 12.31 15.12 -2.52
CA LEU A 585 11.64 14.09 -1.73
C LEU A 585 11.23 14.68 -0.39
N ASN A 586 10.12 14.19 0.14
CA ASN A 586 9.79 14.44 1.53
C ASN A 586 10.56 13.52 2.46
N GLY A 587 11.50 14.10 3.18
CA GLY A 587 12.45 13.33 3.96
C GLY A 587 11.82 12.75 5.20
N ILE A 588 10.73 13.34 5.65
CA ILE A 588 9.99 12.83 6.79
C ILE A 588 9.07 11.69 6.36
N ASN A 589 8.30 11.88 5.31
CA ASN A 589 7.33 10.87 4.92
C ASN A 589 7.99 9.57 4.43
N THR A 590 9.25 9.62 4.03
CA THR A 590 9.94 8.43 3.58
C THR A 590 10.82 7.84 4.67
N LEU A 591 10.84 8.47 5.84
CA LEU A 591 11.88 8.22 6.81
C LEU A 591 11.92 6.73 7.16
N GLY A 592 10.77 6.18 7.50
CA GLY A 592 10.68 4.82 8.00
C GLY A 592 11.26 3.88 6.97
N GLU A 593 10.86 4.06 5.71
CA GLU A 593 11.26 3.15 4.66
C GLU A 593 12.73 3.32 4.35
N ASN A 594 13.21 4.56 4.39
CA ASN A 594 14.64 4.82 4.27
C ASN A 594 15.48 4.20 5.37
N ILE A 595 14.99 4.25 6.61
CA ILE A 595 15.67 3.64 7.74
C ILE A 595 15.73 2.13 7.54
N ALA A 596 14.60 1.55 7.15
CA ALA A 596 14.51 0.12 6.86
C ALA A 596 15.53 -0.32 5.82
N ASP A 597 15.74 0.52 4.80
CA ASP A 597 16.63 0.19 3.69
C ASP A 597 18.08 0.18 4.14
N ASN A 598 18.51 1.27 4.78
CA ASN A 598 19.88 1.40 5.27
C ASN A 598 20.20 0.38 6.36
N GLY A 599 19.23 0.11 7.22
CA GLY A 599 19.42 -0.89 8.26
C GLY A 599 19.51 -2.27 7.65
N GLY A 600 18.58 -2.55 6.75
CA GLY A 600 18.51 -3.83 6.08
C GLY A 600 19.70 -4.16 5.21
N LEU A 601 20.20 -3.18 4.46
CA LEU A 601 21.34 -3.46 3.61
C LEU A 601 22.50 -3.88 4.51
N GLY A 602 22.80 -3.07 5.51
CA GLY A 602 23.88 -3.34 6.44
C GLY A 602 23.75 -4.70 7.13
N GLN A 603 22.53 -5.04 7.54
CA GLN A 603 22.32 -6.28 8.23
C GLN A 603 22.70 -7.43 7.30
N ALA A 604 22.22 -7.35 6.07
CA ALA A 604 22.38 -8.43 5.12
C ALA A 604 23.85 -8.59 4.76
N TYR A 605 24.52 -7.48 4.50
CA TYR A 605 25.96 -7.49 4.23
C TYR A 605 26.71 -8.22 5.34
N ARG A 606 26.34 -7.91 6.58
CA ARG A 606 27.03 -8.49 7.73
C ARG A 606 26.82 -10.00 7.74
N ALA A 607 25.61 -10.41 7.40
CA ALA A 607 25.28 -11.83 7.35
C ALA A 607 26.06 -12.53 6.24
N TYR A 608 26.24 -11.85 5.10
CA TYR A 608 27.00 -12.43 4.02
C TYR A 608 28.46 -12.60 4.43
N GLN A 609 29.01 -11.58 5.07
CA GLN A 609 30.36 -11.66 5.62
C GLN A 609 30.47 -12.86 6.55
N ASN A 610 29.53 -12.98 7.46
CA ASN A 610 29.51 -14.15 8.34
C ASN A 610 29.46 -15.44 7.53
N TYR A 611 28.69 -15.45 6.46
CA TYR A 611 28.55 -16.64 5.62
C TYR A 611 29.89 -17.02 5.02
N ILE A 612 30.60 -16.04 4.48
CA ILE A 612 31.94 -16.24 3.94
C ILE A 612 32.91 -16.77 5.00
N LYS A 613 32.93 -16.14 6.17
CA LYS A 613 33.69 -16.63 7.31
C LYS A 613 33.55 -18.13 7.45
N LYS A 614 32.30 -18.57 7.53
CA LYS A 614 32.00 -19.94 7.92
C LYS A 614 32.25 -20.89 6.76
N ASN A 615 31.97 -20.44 5.55
CA ASN A 615 31.67 -21.36 4.45
C ASN A 615 32.70 -21.24 3.34
N GLY A 616 33.43 -20.14 3.34
CA GLY A 616 34.34 -19.83 2.25
C GLY A 616 33.70 -18.96 1.19
N GLU A 617 34.52 -18.46 0.27
CA GLU A 617 34.07 -17.51 -0.74
C GLU A 617 33.66 -18.23 -2.01
N GLU A 618 32.88 -17.56 -2.84
CA GLU A 618 32.09 -18.23 -3.87
C GLU A 618 32.82 -18.24 -5.20
N LYS A 619 32.56 -19.28 -5.99
CA LYS A 619 32.95 -19.23 -7.39
C LYS A 619 32.43 -17.95 -8.01
N LEU A 620 33.25 -17.34 -8.87
CA LEU A 620 32.88 -16.11 -9.54
C LEU A 620 31.90 -16.38 -10.66
N LEU A 621 31.24 -15.34 -11.15
CA LEU A 621 30.32 -15.45 -12.28
C LEU A 621 31.01 -15.07 -13.59
N PRO A 622 30.74 -15.82 -14.65
CA PRO A 622 31.33 -15.55 -15.96
C PRO A 622 30.75 -14.27 -16.56
N GLY A 623 31.57 -13.55 -17.33
CA GLY A 623 31.09 -12.37 -18.03
C GLY A 623 31.32 -11.11 -17.20
N LEU A 624 31.57 -11.30 -15.91
CA LEU A 624 31.60 -10.18 -14.97
C LEU A 624 32.95 -10.08 -14.27
N ASP A 625 33.63 -8.95 -14.48
CA ASP A 625 34.88 -8.69 -13.77
C ASP A 625 34.60 -8.02 -12.43
N LEU A 626 33.80 -8.69 -11.61
CA LEU A 626 33.45 -8.19 -10.29
C LEU A 626 33.56 -9.31 -9.27
N ASN A 627 34.00 -8.99 -8.07
CA ASN A 627 33.98 -9.98 -7.01
C ASN A 627 32.65 -9.95 -6.31
N HIS A 628 32.47 -10.83 -5.35
CA HIS A 628 31.15 -11.10 -4.80
C HIS A 628 30.70 -10.01 -3.83
N LYS A 629 31.65 -9.30 -3.23
CA LYS A 629 31.30 -8.10 -2.49
C LYS A 629 30.59 -7.16 -3.46
N GLN A 630 31.19 -7.01 -4.64
CA GLN A 630 30.69 -6.11 -5.64
C GLN A 630 29.31 -6.57 -6.14
N LEU A 631 29.15 -7.88 -6.36
CA LEU A 631 27.89 -8.42 -6.87
C LEU A 631 26.78 -8.27 -5.83
N PHE A 632 27.15 -8.40 -4.56
CA PHE A 632 26.22 -8.17 -3.47
C PHE A 632 25.49 -6.84 -3.66
N PHE A 633 26.25 -5.77 -3.87
CA PHE A 633 25.66 -4.44 -4.06
C PHE A 633 25.03 -4.25 -5.43
N LEU A 634 25.64 -4.84 -6.47
CA LEU A 634 25.06 -4.83 -7.79
C LEU A 634 23.61 -5.31 -7.73
N ASN A 635 23.40 -6.47 -7.13
CA ASN A 635 22.08 -7.09 -7.14
C ASN A 635 21.10 -6.31 -6.26
N PHE A 636 21.56 -5.90 -5.07
CA PHE A 636 20.83 -4.89 -4.30
C PHE A 636 20.30 -3.79 -5.22
N ALA A 637 21.19 -3.22 -6.02
CA ALA A 637 20.86 -2.07 -6.87
C ALA A 637 19.84 -2.44 -7.94
N GLN A 638 19.94 -3.64 -8.48
CA GLN A 638 19.23 -3.98 -9.71
C GLN A 638 17.80 -4.36 -9.38
N VAL A 639 17.57 -4.73 -8.12
CA VAL A 639 16.22 -4.79 -7.58
C VAL A 639 15.43 -3.56 -7.97
N TRP A 640 16.11 -2.44 -8.19
CA TRP A 640 15.42 -1.15 -8.26
C TRP A 640 15.57 -0.47 -9.61
N CYS A 641 15.99 -1.22 -10.62
CA CYS A 641 16.06 -0.66 -11.98
C CYS A 641 14.67 -0.31 -12.48
N GLY A 642 14.50 0.91 -12.96
CA GLY A 642 13.20 1.36 -13.38
C GLY A 642 13.11 2.86 -13.44
N THR A 643 11.95 3.35 -13.83
CA THR A 643 11.74 4.78 -13.97
C THR A 643 10.25 5.06 -13.93
N TYR A 644 9.89 6.34 -13.93
CA TYR A 644 8.55 6.77 -13.59
C TYR A 644 8.08 7.68 -14.71
N ARG A 645 6.77 7.69 -14.99
CA ARG A 645 6.16 8.79 -15.72
C ARG A 645 6.10 10.03 -14.86
N PRO A 646 6.33 11.19 -15.47
CA PRO A 646 6.28 12.47 -14.76
C PRO A 646 5.03 12.62 -13.90
N GLU A 647 3.88 12.32 -14.47
CA GLU A 647 2.62 12.53 -13.79
C GLU A 647 2.60 11.70 -12.52
N TYR A 648 3.09 10.48 -12.62
CA TYR A 648 3.08 9.58 -11.48
C TYR A 648 4.15 9.92 -10.46
N ALA A 649 5.29 10.42 -10.93
CA ALA A 649 6.34 10.91 -10.05
C ALA A 649 5.83 12.02 -9.14
N VAL A 650 5.01 12.89 -9.71
CA VAL A 650 4.38 13.99 -8.98
C VAL A 650 3.40 13.43 -7.96
N ASN A 651 2.91 12.22 -8.24
CA ASN A 651 1.97 11.52 -7.38
C ASN A 651 2.69 10.91 -6.18
N SER A 652 3.75 10.15 -6.46
CA SER A 652 4.32 9.28 -5.44
C SER A 652 5.28 10.01 -4.50
N ILE A 653 5.92 11.06 -5.01
CA ILE A 653 6.67 11.96 -4.14
C ILE A 653 5.82 12.40 -2.97
N LYS A 654 4.50 12.50 -3.19
CA LYS A 654 3.57 12.88 -2.13
C LYS A 654 2.92 11.69 -1.43
N THR A 655 2.71 10.58 -2.13
CA THR A 655 1.81 9.54 -1.64
C THR A 655 2.54 8.23 -1.30
N ASP A 656 3.76 8.07 -1.75
CA ASP A 656 4.53 6.87 -1.48
C ASP A 656 5.42 7.07 -0.27
N VAL A 657 5.33 6.17 0.71
CA VAL A 657 6.19 6.25 1.88
C VAL A 657 7.59 5.74 1.55
N HIS A 658 7.75 5.12 0.39
CA HIS A 658 9.07 4.76 -0.13
C HIS A 658 9.70 5.90 -0.92
N SER A 659 11.01 6.08 -0.77
CA SER A 659 11.80 6.81 -1.76
C SER A 659 11.76 6.04 -3.09
N PRO A 660 11.74 6.76 -4.20
CA PRO A 660 11.97 6.18 -5.52
C PRO A 660 13.27 5.37 -5.61
N GLY A 661 13.22 4.32 -6.42
CA GLY A 661 14.23 3.27 -6.37
C GLY A 661 15.63 3.81 -6.61
N ASN A 662 15.77 4.79 -7.49
CA ASN A 662 17.07 5.36 -7.77
C ASN A 662 17.71 5.95 -6.51
N PHE A 663 16.91 6.58 -5.66
CA PHE A 663 17.43 7.22 -4.46
C PHE A 663 17.49 6.27 -3.27
N ARG A 664 16.82 5.12 -3.37
CA ARG A 664 16.98 4.13 -2.34
C ARG A 664 18.39 3.58 -2.49
N ILE A 665 18.76 3.27 -3.72
CA ILE A 665 20.14 3.02 -4.10
C ILE A 665 21.08 4.15 -3.65
N ILE A 666 20.84 5.35 -4.12
CA ILE A 666 21.84 6.40 -3.92
C ILE A 666 22.01 6.71 -2.44
N GLY A 667 20.91 6.89 -1.72
CA GLY A 667 20.96 7.30 -0.33
C GLY A 667 21.60 6.23 0.53
N THR A 668 21.23 4.98 0.24
CA THR A 668 21.66 3.85 1.03
C THR A 668 23.15 3.57 0.84
N LEU A 669 23.60 3.54 -0.40
CA LEU A 669 24.99 3.22 -0.65
C LEU A 669 25.88 4.39 -0.26
N GLN A 670 25.37 5.61 -0.45
CA GLN A 670 26.01 6.79 0.12
C GLN A 670 26.36 6.62 1.59
N ASN A 671 25.48 5.93 2.33
CA ASN A 671 25.64 5.76 3.76
C ASN A 671 26.51 4.56 4.10
N SER A 672 26.92 3.83 3.07
CA SER A 672 27.53 2.52 3.26
C SER A 672 29.04 2.58 3.05
N ALA A 673 29.78 2.49 4.15
CA ALA A 673 31.24 2.46 4.09
C ALA A 673 31.64 1.23 3.30
N GLU A 674 30.92 0.14 3.53
CA GLU A 674 31.26 -1.16 2.96
C GLU A 674 31.17 -1.11 1.44
N PHE A 675 30.25 -0.30 0.93
CA PHE A 675 30.14 -0.10 -0.51
C PHE A 675 31.33 0.62 -1.14
N SER A 676 31.80 1.69 -0.51
CA SER A 676 32.89 2.48 -1.09
C SER A 676 34.20 1.67 -1.01
N GLU A 677 34.27 0.76 -0.05
CA GLU A 677 35.35 -0.20 0.01
C GLU A 677 35.34 -1.16 -1.18
N ALA A 678 34.21 -1.84 -1.39
CA ALA A 678 34.08 -2.76 -2.52
C ALA A 678 34.44 -2.11 -3.85
N PHE A 679 34.12 -0.84 -4.01
CA PHE A 679 34.31 -0.20 -5.32
C PHE A 679 35.40 0.87 -5.30
N HIS A 680 36.15 0.93 -4.21
CA HIS A 680 37.36 1.77 -4.14
C HIS A 680 37.01 3.23 -4.41
N CYS A 681 36.03 3.75 -3.69
CA CYS A 681 35.53 5.10 -3.93
C CYS A 681 36.33 6.14 -3.15
N ARG A 682 36.84 7.13 -3.88
CA ARG A 682 37.49 8.28 -3.26
C ARG A 682 36.51 9.01 -2.37
N LYS A 683 36.99 9.45 -1.21
CA LYS A 683 36.26 10.42 -0.39
C LYS A 683 35.48 11.37 -1.27
N ASN A 684 34.26 11.69 -0.87
CA ASN A 684 33.53 12.82 -1.43
C ASN A 684 33.49 12.77 -2.96
N SER A 685 33.83 11.60 -3.52
CA SER A 685 33.08 11.06 -4.64
C SER A 685 31.59 10.98 -4.32
N TYR A 686 30.77 11.21 -5.33
CA TYR A 686 29.35 11.43 -5.11
C TYR A 686 28.74 10.30 -4.28
N MET A 687 29.21 9.07 -4.51
CA MET A 687 28.70 7.92 -3.78
C MET A 687 29.36 7.73 -2.43
N ASN A 688 30.37 8.54 -2.13
CA ASN A 688 31.13 8.39 -0.89
C ASN A 688 31.34 9.73 -0.19
N PRO A 689 30.24 10.28 0.32
CA PRO A 689 30.29 11.46 1.19
C PRO A 689 30.94 11.19 2.55
N GLU A 690 31.74 12.14 3.03
CA GLU A 690 32.35 12.02 4.34
C GLU A 690 31.31 11.79 5.43
N LYS A 691 30.22 12.55 5.37
CA LYS A 691 29.16 12.44 6.38
C LYS A 691 28.18 11.34 5.99
N LYS A 692 28.04 10.34 6.85
CA LYS A 692 27.19 9.20 6.55
C LYS A 692 26.15 8.99 7.64
N CYS A 693 24.90 8.78 7.24
CA CYS A 693 23.84 8.54 8.20
C CYS A 693 23.86 7.10 8.65
N ARG A 694 23.61 6.88 9.93
CA ARG A 694 23.40 5.56 10.48
C ARG A 694 22.43 5.65 11.64
N VAL A 695 21.44 4.76 11.65
CA VAL A 695 20.76 4.42 12.88
C VAL A 695 20.99 2.95 13.20
N TRP A 696 20.37 2.06 12.45
CA TRP A 696 20.54 0.62 12.70
C TRP A 696 21.70 0.07 11.90
C1 NAG B . -20.41 -13.61 -21.66
C2 NAG B . -20.40 -15.04 -22.15
C3 NAG B . -21.47 -15.26 -23.22
C4 NAG B . -22.81 -14.69 -22.77
C5 NAG B . -22.68 -13.30 -22.17
C6 NAG B . -24.01 -12.86 -21.60
C7 NAG B . -18.23 -16.17 -22.07
C8 NAG B . -16.99 -16.54 -22.84
N2 NAG B . -19.09 -15.35 -22.69
O3 NAG B . -21.65 -16.63 -23.48
O4 NAG B . -23.68 -14.64 -23.89
O5 NAG B . -21.70 -13.31 -21.16
O6 NAG B . -24.48 -13.83 -20.69
O7 NAG B . -18.41 -16.60 -20.93
C1 NAG C . -30.62 7.44 14.42
C2 NAG C . -31.55 6.25 14.67
C3 NAG C . -32.76 6.30 13.74
C4 NAG C . -33.40 7.67 13.81
C5 NAG C . -32.34 8.74 13.57
C6 NAG C . -32.94 10.14 13.59
C7 NAG C . -30.35 4.29 15.42
C8 NAG C . -29.50 3.11 15.03
N2 NAG C . -30.81 5.02 14.42
O3 NAG C . -33.68 5.29 14.10
O4 NAG C . -34.40 7.77 12.82
O5 NAG C . -31.36 8.63 14.58
O6 NAG C . -33.47 10.45 12.32
O7 NAG C . -30.58 4.54 16.60
C1 NAG D . 19.41 19.58 3.28
C2 NAG D . 18.05 19.96 3.86
C3 NAG D . 18.17 21.15 4.80
C4 NAG D . 19.24 20.87 5.84
C5 NAG D . 20.53 20.41 5.17
C6 NAG D . 21.57 20.05 6.23
C7 NAG D . 15.92 19.70 2.77
C8 NAG D . 14.90 20.29 1.84
N2 NAG D . 17.12 20.27 2.79
O3 NAG D . 16.94 21.38 5.45
O4 NAG D . 19.47 22.04 6.59
O5 NAG D . 20.30 19.30 4.34
O6 NAG D . 22.33 18.97 5.76
O7 NAG D . 15.63 18.74 3.47
ZN ZN E . 9.15 -1.15 4.06
O19 OIR F . 8.88 -1.24 2.31
C18 OIR F . 8.05 -2.13 2.30
C20 OIR F . 6.88 -2.00 3.22
C21 OIR F . 5.66 -2.76 2.72
C23 OIR F . 4.70 -1.75 2.15
C24 OIR F . 3.60 -2.16 1.41
C25 OIR F . 2.71 -1.22 0.90
C26 OIR F . 2.94 0.14 1.11
C27 OIR F . 4.03 0.55 1.85
C28 OIR F . 4.91 -0.40 2.37
S26 OIR F . 7.43 -2.65 4.81
N9 OIR F . 8.17 -3.20 1.54
C2 OIR F . 9.34 -3.21 0.68
C11 OIR F . 9.15 -2.24 -0.47
O12 OIR F . 10.04 -1.45 -0.73
N13 OIR F . 8.02 -2.31 -1.15
C14 OIR F . 7.83 -1.57 -2.39
C15 OIR F . 6.43 -1.02 -2.49
O16 OIR F . 5.55 -1.53 -1.81
O17 OIR F . 6.18 -0.07 -3.21
C19 OIR F . 8.10 -2.49 -3.57
C1 OIR F . 9.63 -4.62 0.18
C3 OIR F . 11.02 -4.55 -0.42
C4 OIR F . 11.24 -4.85 -1.76
C5 OIR F . 12.52 -4.79 -2.30
C6 OIR F . 13.59 -4.40 -1.49
C7 OIR F . 13.37 -4.10 -0.16
C8 OIR F . 12.10 -4.17 0.38
#